data_3G2X
#
_entry.id   3G2X
#
_cell.length_a   84.371
_cell.length_b   151.492
_cell.length_c   181.723
_cell.angle_alpha   90.00
_cell.angle_beta   90.00
_cell.angle_gamma   90.00
#
_symmetry.space_group_name_H-M   'C 2 2 21'
#
loop_
_entity.id
_entity.type
_entity.pdbx_description
1 polymer 'Nucleoside diphosphate kinase'
2 non-polymer 'MAGNESIUM ION'
3 non-polymer "THYMIDINE-5'-DIPHOSPHATE"
4 water water
#
_entity_poly.entity_id   1
_entity_poly.type   'polypeptide(L)'
_entity_poly.pdbx_seq_one_letter_code
;YKKAGLQRTLVLIKPDAFERSLVAEIMGRIEKKNFKIVSMKFWSKAPRNLIEQHYKEHSEQSYFNDLCDFMVSGPIISIV
YEGTDAISKIRRLQGNTNPLASAPGTIRGDLANDIRENLIHASDSEDSAVDEISIWFPETKMETDN
;
_entity_poly.pdbx_strand_id   A,B,C,D,E,F
#
loop_
_chem_comp.id
_chem_comp.type
_chem_comp.name
_chem_comp.formula
MG non-polymer 'MAGNESIUM ION' 'Mg 2'
TYD non-polymer THYMIDINE-5'-DIPHOSPHATE 'C10 H16 N2 O11 P2'
#
# COMPACT_ATOMS: atom_id res chain seq x y z
N GLN A 7 21.16 38.73 35.06
CA GLN A 7 20.97 38.45 36.50
C GLN A 7 21.47 37.06 36.94
N ARG A 8 21.50 36.84 38.25
CA ARG A 8 22.01 35.59 38.84
C ARG A 8 20.95 34.93 39.73
N THR A 9 20.98 33.60 39.83
CA THR A 9 19.98 32.88 40.63
C THR A 9 20.65 31.77 41.41
N LEU A 10 20.03 31.31 42.50
CA LEU A 10 20.63 30.27 43.33
C LEU A 10 19.86 28.98 43.13
N VAL A 11 20.58 27.90 42.86
CA VAL A 11 19.92 26.63 42.65
C VAL A 11 20.41 25.60 43.65
N LEU A 12 19.47 24.83 44.18
CA LEU A 12 19.82 23.72 45.01
C LEU A 12 19.44 22.43 44.29
N ILE A 13 20.42 21.56 44.10
CA ILE A 13 20.11 20.20 43.70
C ILE A 13 19.83 19.44 44.99
N LYS A 14 18.66 18.84 45.11
CA LYS A 14 18.22 18.30 46.40
C LYS A 14 18.55 16.83 46.64
N PRO A 15 18.61 16.42 47.90
CA PRO A 15 18.98 15.04 48.23
C PRO A 15 18.26 13.96 47.42
N ASP A 16 17.02 14.18 46.99
CA ASP A 16 16.34 13.16 46.22
C ASP A 16 16.93 13.02 44.82
N ALA A 17 17.64 14.06 44.38
CA ALA A 17 18.38 13.97 43.12
C ALA A 17 19.52 12.99 43.25
N PHE A 18 20.27 13.04 44.35
CA PHE A 18 21.35 12.08 44.56
C PHE A 18 20.83 10.67 44.81
N GLU A 19 19.67 10.57 45.46
CA GLU A 19 19.04 9.27 45.70
C GLU A 19 18.55 8.62 44.40
N ARG A 20 18.30 9.41 43.36
CA ARG A 20 17.77 8.89 42.12
C ARG A 20 18.75 9.16 40.96
N SER A 21 19.94 9.63 41.29
CA SER A 21 20.97 9.79 40.29
C SER A 21 20.46 10.62 39.12
N LEU A 22 19.90 11.79 39.45
CA LEU A 22 19.33 12.69 38.47
C LEU A 22 20.06 14.02 38.49
N VAL A 23 21.21 14.08 39.15
CA VAL A 23 21.96 15.32 39.18
C VAL A 23 22.33 15.84 37.79
N ALA A 24 22.97 15.00 36.98
CA ALA A 24 23.35 15.40 35.64
C ALA A 24 22.13 15.78 34.80
N GLU A 25 21.08 14.96 34.88
CA GLU A 25 19.85 15.26 34.16
C GLU A 25 19.33 16.67 34.45
N ILE A 26 19.23 17.02 35.73
CA ILE A 26 18.79 18.35 36.13
C ILE A 26 19.76 19.44 35.70
N MET A 27 21.00 19.36 36.14
CA MET A 27 21.99 20.33 35.67
C MET A 27 22.00 20.36 34.14
N GLY A 28 21.73 19.21 33.54
CA GLY A 28 21.77 19.07 32.11
C GLY A 28 20.80 20.02 31.45
N ARG A 29 19.60 20.10 31.99
CA ARG A 29 18.54 20.92 31.41
C ARG A 29 18.82 22.40 31.52
N ILE A 30 19.51 22.82 32.59
CA ILE A 30 19.93 24.22 32.70
C ILE A 30 21.09 24.55 31.75
N GLU A 31 22.09 23.68 31.72
CA GLU A 31 23.24 23.86 30.83
C GLU A 31 22.78 24.09 29.38
N LYS A 32 21.78 23.32 28.95
CA LYS A 32 21.23 23.41 27.59
C LYS A 32 20.41 24.67 27.32
N LYS A 33 19.77 25.20 28.35
CA LYS A 33 19.04 26.46 28.24
C LYS A 33 20.07 27.60 28.17
N ASN A 34 21.33 27.23 28.32
CA ASN A 34 22.47 28.12 28.13
C ASN A 34 22.79 29.04 29.28
N PHE A 35 22.65 28.54 30.50
CA PHE A 35 23.07 29.27 31.67
C PHE A 35 24.45 28.83 32.12
N LYS A 36 25.25 29.80 32.58
CA LYS A 36 26.60 29.54 33.01
C LYS A 36 26.69 29.34 34.53
N ILE A 37 27.53 28.39 34.94
CA ILE A 37 27.83 28.20 36.34
C ILE A 37 28.86 29.23 36.76
N VAL A 38 28.58 29.92 37.85
CA VAL A 38 29.42 31.02 38.29
C VAL A 38 30.09 30.59 39.58
N SER A 39 29.43 29.68 40.28
CA SER A 39 30.05 28.98 41.39
C SER A 39 29.19 27.82 41.84
N MET A 40 29.85 26.83 42.44
CA MET A 40 29.18 25.61 42.81
C MET A 40 29.88 24.99 44.00
N LYS A 41 29.08 24.47 44.92
CA LYS A 41 29.63 23.81 46.08
C LYS A 41 28.83 22.52 46.28
N PHE A 42 29.54 21.41 46.47
CA PHE A 42 28.91 20.13 46.82
C PHE A 42 28.89 20.02 48.34
N TRP A 43 27.74 19.62 48.89
CA TRP A 43 27.61 19.47 50.33
C TRP A 43 27.19 18.05 50.65
N SER A 44 28.06 17.26 51.26
CA SER A 44 27.67 15.88 51.57
C SER A 44 26.51 15.88 52.55
N LYS A 45 26.46 16.92 53.38
CA LYS A 45 25.34 17.14 54.29
C LYS A 45 25.33 18.61 54.67
N ALA A 46 24.27 19.32 54.30
CA ALA A 46 24.23 20.74 54.57
C ALA A 46 23.99 20.99 56.05
N PRO A 47 24.71 21.96 56.62
CA PRO A 47 24.46 22.35 58.01
C PRO A 47 22.99 22.67 58.12
N ARG A 48 22.37 22.31 59.23
CA ARG A 48 20.93 22.45 59.32
C ARG A 48 20.47 23.90 59.35
N ASN A 49 21.22 24.74 60.05
CA ASN A 49 20.82 26.13 60.22
C ASN A 49 20.96 26.86 58.91
N LEU A 50 21.87 26.35 58.09
CA LEU A 50 21.99 26.82 56.74
C LEU A 50 20.69 26.53 55.99
N ILE A 51 20.20 25.31 56.15
CA ILE A 51 18.98 24.92 55.49
C ILE A 51 17.89 25.79 56.03
N GLU A 52 17.92 25.99 57.33
CA GLU A 52 16.82 26.70 57.99
C GLU A 52 16.81 28.18 57.65
N GLN A 53 17.99 28.80 57.56
CA GLN A 53 18.05 30.15 57.04
C GLN A 53 17.52 30.11 55.62
N HIS A 54 18.00 29.13 54.84
CA HIS A 54 17.56 29.04 53.46
C HIS A 54 16.04 29.06 53.33
N TYR A 55 15.36 28.40 54.27
CA TYR A 55 13.90 28.36 54.25
C TYR A 55 13.20 29.22 55.33
N LYS A 56 13.90 30.24 55.85
CA LYS A 56 13.36 31.15 56.87
C LYS A 56 11.92 31.63 56.65
N GLU A 57 11.54 31.87 55.40
CA GLU A 57 10.20 32.37 55.11
C GLU A 57 9.15 31.30 55.36
N HIS A 58 9.62 30.08 55.62
CA HIS A 58 8.73 28.92 55.72
C HIS A 58 8.58 28.41 57.15
N SER A 59 9.35 29.03 58.07
CA SER A 59 9.37 28.64 59.46
C SER A 59 8.01 28.39 60.07
N GLU A 60 7.00 29.13 59.63
CA GLU A 60 5.68 29.03 60.24
C GLU A 60 4.83 27.87 59.72
N GLN A 61 5.24 27.23 58.62
CA GLN A 61 4.39 26.25 57.96
C GLN A 61 4.47 24.83 58.55
N SER A 62 3.34 24.13 58.52
CA SER A 62 3.23 22.79 59.09
C SER A 62 4.40 21.93 58.66
N TYR A 63 4.62 21.89 57.35
CA TYR A 63 5.62 21.03 56.71
C TYR A 63 7.09 21.46 56.92
N PHE A 64 7.30 22.61 57.55
CA PHE A 64 8.66 23.14 57.67
C PHE A 64 9.66 22.19 58.30
N ASN A 65 9.17 21.28 59.13
CA ASN A 65 10.02 20.33 59.80
C ASN A 65 10.44 19.23 58.86
N ASP A 66 9.46 18.64 58.18
CA ASP A 66 9.77 17.60 57.24
C ASP A 66 10.67 18.12 56.13
N LEU A 67 10.47 19.38 55.75
CA LEU A 67 11.31 20.02 54.77
C LEU A 67 12.78 20.05 55.18
N CYS A 68 13.07 20.66 56.32
CA CYS A 68 14.45 20.75 56.80
C CYS A 68 15.05 19.35 56.98
N ASP A 69 14.24 18.43 57.47
CA ASP A 69 14.68 17.04 57.65
C ASP A 69 15.15 16.47 56.32
N PHE A 70 14.25 16.53 55.34
CA PHE A 70 14.53 16.01 54.03
C PHE A 70 15.82 16.59 53.44
N MET A 71 15.97 17.90 53.55
CA MET A 71 17.11 18.63 52.99
C MET A 71 18.45 18.34 53.69
N VAL A 72 18.43 17.63 54.80
CA VAL A 72 19.70 17.26 55.41
C VAL A 72 19.89 15.74 55.37
N SER A 73 18.96 15.05 54.72
CA SER A 73 18.96 13.59 54.66
C SER A 73 19.89 13.03 53.61
N GLY A 74 20.55 13.91 52.89
CA GLY A 74 21.52 13.50 51.89
C GLY A 74 22.28 14.70 51.37
N PRO A 75 23.08 14.50 50.32
CA PRO A 75 23.92 15.56 49.76
C PRO A 75 23.06 16.60 49.04
N ILE A 76 23.68 17.73 48.72
CA ILE A 76 23.05 18.87 48.09
C ILE A 76 24.12 19.60 47.29
N ILE A 77 23.77 20.09 46.11
CA ILE A 77 24.69 20.96 45.40
C ILE A 77 24.08 22.34 45.29
N SER A 78 24.83 23.34 45.73
CA SER A 78 24.39 24.71 45.58
C SER A 78 25.12 25.27 44.39
N ILE A 79 24.36 25.83 43.45
CA ILE A 79 24.91 26.34 42.22
C ILE A 79 24.40 27.76 42.06
N VAL A 80 25.28 28.69 41.70
CA VAL A 80 24.83 29.98 41.22
C VAL A 80 24.89 30.01 39.70
N TYR A 81 23.74 30.20 39.08
CA TYR A 81 23.66 30.33 37.63
C TYR A 81 23.60 31.76 37.16
N GLU A 82 24.05 32.00 35.93
CA GLU A 82 24.06 33.34 35.39
C GLU A 82 23.51 33.36 33.99
N GLY A 83 22.80 34.43 33.67
CA GLY A 83 22.19 34.57 32.36
C GLY A 83 21.08 35.60 32.36
N THR A 84 20.68 35.99 31.15
CA THR A 84 19.61 36.96 30.97
C THR A 84 18.34 36.38 31.57
N ASP A 85 17.80 37.09 32.56
CA ASP A 85 16.54 36.72 33.19
C ASP A 85 16.63 35.32 33.78
N ALA A 86 17.81 34.99 34.27
CA ALA A 86 18.08 33.68 34.81
C ALA A 86 17.01 33.28 35.81
N ILE A 87 16.68 34.19 36.72
CA ILE A 87 15.71 33.87 37.76
C ILE A 87 14.36 33.38 37.22
N SER A 88 13.70 34.18 36.40
CA SER A 88 12.38 33.80 35.94
C SER A 88 12.47 32.64 34.97
N LYS A 89 13.52 32.60 34.15
CA LYS A 89 13.66 31.54 33.17
C LYS A 89 13.89 30.20 33.86
N ILE A 90 14.80 30.17 34.80
CA ILE A 90 15.11 28.90 35.46
C ILE A 90 13.94 28.46 36.32
N ARG A 91 13.19 29.42 36.85
CA ARG A 91 11.97 29.07 37.58
C ARG A 91 10.93 28.40 36.66
N ARG A 92 10.85 28.84 35.40
CA ARG A 92 9.93 28.22 34.45
C ARG A 92 10.32 26.77 34.20
N LEU A 93 11.62 26.55 34.02
CA LEU A 93 12.18 25.21 33.82
C LEU A 93 11.87 24.28 34.99
N GLN A 94 12.17 24.76 36.19
CA GLN A 94 11.91 24.05 37.43
C GLN A 94 10.52 23.40 37.50
N GLY A 95 9.49 24.16 37.15
CA GLY A 95 8.13 23.66 37.24
C GLY A 95 7.46 23.92 38.59
N ASN A 96 6.16 23.68 38.63
CA ASN A 96 5.34 23.98 39.81
C ASN A 96 5.68 23.06 40.99
N THR A 97 5.47 23.53 42.21
CA THR A 97 5.82 22.73 43.39
C THR A 97 4.94 21.50 43.52
N ASN A 98 3.68 21.63 43.14
CA ASN A 98 2.71 20.57 43.30
C ASN A 98 2.70 19.60 42.11
N PRO A 99 2.93 18.31 42.38
CA PRO A 99 2.91 17.24 41.36
C PRO A 99 1.63 17.28 40.55
N LEU A 100 0.56 17.79 41.17
CA LEU A 100 -0.74 17.88 40.50
C LEU A 100 -0.79 19.05 39.49
N ALA A 101 0.24 19.90 39.50
CA ALA A 101 0.24 21.09 38.65
C ALA A 101 1.45 21.26 37.73
N SER A 102 2.57 20.64 38.08
CA SER A 102 3.81 20.79 37.32
C SER A 102 3.60 20.38 35.87
N ALA A 103 4.12 21.19 34.95
CA ALA A 103 3.93 20.91 33.52
C ALA A 103 4.96 19.92 32.95
N PRO A 104 4.48 18.95 32.14
CA PRO A 104 5.37 18.12 31.32
C PRO A 104 6.26 19.03 30.52
N GLY A 105 7.54 18.72 30.51
CA GLY A 105 8.53 19.58 29.88
C GLY A 105 9.42 20.20 30.93
N THR A 106 8.89 20.35 32.14
CA THR A 106 9.65 20.92 33.22
C THR A 106 10.40 19.84 33.99
N ILE A 107 11.39 20.26 34.75
CA ILE A 107 12.13 19.37 35.62
C ILE A 107 11.20 18.64 36.60
N ARG A 108 10.36 19.37 37.33
CA ARG A 108 9.44 18.71 38.26
C ARG A 108 8.31 17.97 37.53
N GLY A 109 7.90 18.52 36.39
CA GLY A 109 6.87 17.92 35.58
C GLY A 109 7.28 16.56 35.07
N ASP A 110 8.53 16.43 34.61
CA ASP A 110 9.01 15.14 34.08
C ASP A 110 9.57 14.21 35.14
N LEU A 111 10.17 14.77 36.19
CA LEU A 111 10.94 13.97 37.14
C LEU A 111 10.40 13.92 38.57
N ALA A 112 9.67 14.93 39.02
CA ALA A 112 9.21 14.96 40.42
C ALA A 112 7.79 14.42 40.58
N ASN A 113 7.54 13.70 41.67
CA ASN A 113 6.24 13.07 41.89
C ASN A 113 5.78 13.26 43.34
N ASP A 114 6.12 14.40 43.91
CA ASP A 114 5.91 14.63 45.32
C ASP A 114 6.17 16.07 45.66
N ILE A 115 5.31 16.64 46.49
CA ILE A 115 5.40 18.06 46.81
C ILE A 115 6.68 18.45 47.56
N ARG A 116 7.26 17.53 48.31
CA ARG A 116 8.46 17.85 49.10
C ARG A 116 9.75 17.43 48.40
N GLU A 117 9.83 16.15 48.06
CA GLU A 117 10.95 15.62 47.32
C GLU A 117 10.74 16.03 45.87
N ASN A 118 11.13 17.24 45.52
CA ASN A 118 10.88 17.78 44.19
C ASN A 118 12.14 18.20 43.48
N LEU A 119 13.26 17.61 43.90
CA LEU A 119 14.54 17.64 43.19
C LEU A 119 15.33 18.94 43.20
N ILE A 120 14.67 20.08 43.01
CA ILE A 120 15.43 21.30 42.73
C ILE A 120 14.84 22.56 43.33
N HIS A 121 15.69 23.34 43.99
CA HIS A 121 15.32 24.68 44.40
C HIS A 121 15.87 25.70 43.42
N ALA A 122 15.12 26.78 43.21
CA ALA A 122 15.63 27.96 42.51
C ALA A 122 14.97 29.21 43.08
N SER A 123 15.76 30.27 43.24
CA SER A 123 15.31 31.56 43.74
C SER A 123 14.03 32.02 43.09
N ASP A 124 13.10 32.56 43.89
CA ASP A 124 11.80 32.98 43.36
C ASP A 124 11.78 34.44 42.89
N SER A 125 12.80 35.21 43.26
CA SER A 125 12.82 36.63 42.92
C SER A 125 14.23 37.16 43.03
N GLU A 126 14.45 38.36 42.52
CA GLU A 126 15.76 39.02 42.63
C GLU A 126 16.28 39.01 44.06
N ASP A 127 15.41 39.37 45.00
CA ASP A 127 15.79 39.61 46.38
C ASP A 127 16.18 38.33 47.06
N SER A 128 15.35 37.30 46.86
CA SER A 128 15.60 36.01 47.45
C SER A 128 16.87 35.43 46.85
N ALA A 129 17.13 35.77 45.59
CA ALA A 129 18.37 35.36 44.95
C ALA A 129 19.59 35.96 45.65
N VAL A 130 19.61 37.27 45.80
CA VAL A 130 20.72 37.93 46.49
C VAL A 130 20.86 37.30 47.85
N ASP A 131 19.70 37.00 48.44
CA ASP A 131 19.65 36.50 49.79
C ASP A 131 20.27 35.12 49.90
N GLU A 132 19.70 34.17 49.17
CA GLU A 132 20.11 32.77 49.21
C GLU A 132 21.54 32.59 48.75
N ILE A 133 21.94 33.41 47.79
CA ILE A 133 23.31 33.36 47.31
C ILE A 133 24.30 33.63 48.45
N SER A 134 24.11 34.71 49.21
CA SER A 134 25.10 35.07 50.22
C SER A 134 25.16 34.05 51.37
N ILE A 135 24.07 33.32 51.55
CA ILE A 135 24.04 32.16 52.47
C ILE A 135 25.06 31.09 52.03
N TRP A 136 24.77 30.41 50.92
CA TRP A 136 25.62 29.33 50.44
C TRP A 136 27.01 29.80 50.01
N PHE A 137 27.15 31.08 49.69
CA PHE A 137 28.41 31.59 49.20
C PHE A 137 28.78 32.96 49.75
N PRO A 138 29.46 32.96 50.90
CA PRO A 138 30.00 34.23 51.41
C PRO A 138 31.49 34.37 51.11
N GLN B 7 0.24 18.66 3.88
CA GLN B 7 0.79 20.01 4.06
C GLN B 7 2.34 20.09 4.25
N ARG B 8 2.96 21.16 3.75
CA ARG B 8 4.41 21.36 3.88
C ARG B 8 4.75 22.66 4.61
N THR B 9 5.99 22.76 5.11
CA THR B 9 6.44 23.94 5.84
C THR B 9 7.94 24.08 5.75
N LEU B 10 8.44 25.32 5.81
CA LEU B 10 9.86 25.58 5.69
C LEU B 10 10.44 25.76 7.08
N VAL B 11 11.59 25.13 7.34
CA VAL B 11 12.21 25.24 8.65
C VAL B 11 13.66 25.58 8.44
N LEU B 12 14.16 26.57 9.16
CA LEU B 12 15.57 26.88 9.09
C LEU B 12 16.24 26.54 10.40
N ILE B 13 17.30 25.76 10.32
CA ILE B 13 18.18 25.54 11.46
C ILE B 13 19.16 26.69 11.35
N LYS B 14 19.30 27.50 12.39
CA LYS B 14 20.04 28.76 12.29
C LYS B 14 21.51 28.65 12.74
N PRO B 15 22.30 29.71 12.49
CA PRO B 15 23.74 29.64 12.75
C PRO B 15 24.07 29.33 14.21
N ASP B 16 23.18 29.68 15.14
CA ASP B 16 23.47 29.38 16.55
C ASP B 16 23.30 27.89 16.87
N ALA B 17 22.53 27.20 16.06
CA ALA B 17 22.40 25.77 16.21
C ALA B 17 23.73 25.11 15.89
N PHE B 18 24.43 25.60 14.88
CA PHE B 18 25.70 25.00 14.49
C PHE B 18 26.78 25.36 15.49
N GLU B 19 26.66 26.56 16.01
CA GLU B 19 27.60 27.12 16.95
C GLU B 19 27.54 26.32 18.27
N ARG B 20 26.34 25.89 18.64
CA ARG B 20 26.16 25.18 19.89
C ARG B 20 25.94 23.70 19.63
N SER B 21 26.11 23.29 18.39
CA SER B 21 26.03 21.87 18.04
C SER B 21 24.70 21.27 18.44
N LEU B 22 23.60 21.91 18.05
CA LEU B 22 22.27 21.47 18.41
C LEU B 22 21.44 21.07 17.20
N VAL B 23 22.08 20.86 16.07
CA VAL B 23 21.35 20.61 14.86
C VAL B 23 20.57 19.29 14.95
N ALA B 24 21.28 18.20 15.23
CA ALA B 24 20.63 16.88 15.34
C ALA B 24 19.53 16.89 16.42
N GLU B 25 19.78 17.65 17.49
CA GLU B 25 18.80 17.79 18.56
C GLU B 25 17.51 18.44 18.09
N ILE B 26 17.65 19.48 17.25
CA ILE B 26 16.47 20.17 16.75
C ILE B 26 15.72 19.29 15.78
N MET B 27 16.46 18.79 14.79
CA MET B 27 15.91 17.91 13.78
C MET B 27 15.32 16.64 14.39
N GLY B 28 15.98 16.14 15.41
CA GLY B 28 15.53 14.93 16.07
C GLY B 28 14.17 15.12 16.70
N ARG B 29 13.90 16.34 17.13
CA ARG B 29 12.62 16.60 17.79
C ARG B 29 11.49 16.55 16.81
N ILE B 30 11.73 17.13 15.64
CA ILE B 30 10.75 17.09 14.57
C ILE B 30 10.60 15.68 14.00
N GLU B 31 11.74 14.99 13.82
CA GLU B 31 11.74 13.60 13.36
C GLU B 31 10.89 12.72 14.29
N LYS B 32 11.17 12.82 15.59
CA LYS B 32 10.36 12.18 16.63
C LYS B 32 8.84 12.36 16.51
N LYS B 33 8.39 13.53 16.07
CA LYS B 33 6.94 13.74 15.96
C LYS B 33 6.40 13.22 14.65
N ASN B 34 7.24 12.51 13.92
CA ASN B 34 6.85 11.84 12.69
C ASN B 34 6.64 12.79 11.50
N PHE B 35 7.40 13.88 11.44
CA PHE B 35 7.44 14.72 10.25
C PHE B 35 8.56 14.30 9.33
N LYS B 36 8.26 14.24 8.04
CA LYS B 36 9.15 13.67 7.05
C LYS B 36 9.78 14.75 6.19
N ILE B 37 11.09 14.65 5.98
CA ILE B 37 11.82 15.57 5.13
C ILE B 37 11.48 15.38 3.66
N VAL B 38 11.05 16.46 3.00
CA VAL B 38 10.81 16.41 1.57
C VAL B 38 12.01 16.94 0.81
N SER B 39 12.73 17.87 1.43
CA SER B 39 13.96 18.38 0.83
C SER B 39 14.80 19.15 1.82
N MET B 40 16.10 19.20 1.57
CA MET B 40 17.02 19.80 2.51
C MET B 40 18.30 20.25 1.83
N LYS B 41 18.77 21.44 2.18
CA LYS B 41 20.04 21.96 1.68
C LYS B 41 20.85 22.57 2.81
N PHE B 42 22.14 22.28 2.83
CA PHE B 42 23.06 22.88 3.77
C PHE B 42 23.72 24.08 3.11
N TRP B 43 23.71 25.21 3.82
CA TRP B 43 24.32 26.44 3.35
C TRP B 43 25.46 26.83 4.28
N SER B 44 26.69 26.76 3.79
CA SER B 44 27.85 27.16 4.57
C SER B 44 27.72 28.63 4.98
N LYS B 45 27.05 29.38 4.10
CA LYS B 45 26.72 30.78 4.35
C LYS B 45 25.68 31.22 3.33
N ALA B 46 24.48 31.54 3.80
CA ALA B 46 23.40 31.98 2.93
C ALA B 46 23.67 33.34 2.28
N PRO B 47 23.32 33.47 1.00
CA PRO B 47 23.35 34.80 0.36
C PRO B 47 22.37 35.73 1.07
N ARG B 48 22.79 36.97 1.34
CA ARG B 48 21.96 37.84 2.15
C ARG B 48 20.61 38.17 1.49
N ASN B 49 20.58 38.11 0.16
CA ASN B 49 19.35 38.37 -0.56
C ASN B 49 18.29 37.30 -0.25
N LEU B 50 18.71 36.05 -0.16
CA LEU B 50 17.78 35.00 0.24
C LEU B 50 17.27 35.31 1.62
N ILE B 51 18.18 35.73 2.49
CA ILE B 51 17.79 36.05 3.86
C ILE B 51 16.78 37.18 3.87
N GLU B 52 17.11 38.29 3.23
CA GLU B 52 16.21 39.44 3.20
C GLU B 52 14.84 39.12 2.56
N GLN B 53 14.86 38.26 1.54
CA GLN B 53 13.63 37.75 0.92
C GLN B 53 12.85 37.02 1.99
N HIS B 54 13.52 36.06 2.60
CA HIS B 54 12.91 35.23 3.61
C HIS B 54 12.26 36.09 4.69
N TYR B 55 12.92 37.17 5.07
CA TYR B 55 12.41 38.02 6.12
C TYR B 55 11.87 39.34 5.59
N LYS B 56 11.50 39.36 4.32
CA LYS B 56 11.00 40.59 3.70
C LYS B 56 9.87 41.29 4.48
N GLU B 57 8.96 40.51 5.06
CA GLU B 57 7.88 41.05 5.85
C GLU B 57 8.41 41.88 7.02
N HIS B 58 9.70 41.76 7.29
CA HIS B 58 10.29 42.35 8.50
C HIS B 58 11.16 43.58 8.23
N SER B 59 11.25 43.96 6.96
CA SER B 59 12.17 45.01 6.49
C SER B 59 12.09 46.35 7.22
N GLU B 60 11.00 46.62 7.92
CA GLU B 60 10.84 47.94 8.54
C GLU B 60 11.08 47.94 10.04
N GLN B 61 11.61 46.85 10.58
CA GLN B 61 11.73 46.72 12.03
C GLN B 61 13.12 47.09 12.53
N SER B 62 13.23 47.50 13.79
CA SER B 62 14.53 47.91 14.33
C SER B 62 15.59 46.79 14.23
N TYR B 63 15.14 45.55 14.32
CA TYR B 63 16.05 44.40 14.35
C TYR B 63 16.45 43.87 12.98
N PHE B 64 15.68 44.23 11.96
CA PHE B 64 15.90 43.65 10.65
C PHE B 64 17.36 43.48 10.25
N ASN B 65 18.17 44.51 10.44
CA ASN B 65 19.53 44.46 9.94
C ASN B 65 20.43 43.51 10.74
N ASP B 66 20.22 43.52 12.05
CA ASP B 66 20.92 42.61 12.95
C ASP B 66 20.49 41.17 12.73
N LEU B 67 19.18 40.96 12.64
CA LEU B 67 18.63 39.66 12.29
C LEU B 67 19.36 39.08 11.06
N CYS B 68 19.54 39.90 10.04
CA CYS B 68 20.14 39.46 8.78
C CYS B 68 21.64 39.21 8.92
N ASP B 69 22.31 40.09 9.65
CA ASP B 69 23.72 39.89 9.93
C ASP B 69 23.91 38.54 10.60
N PHE B 70 23.03 38.27 11.56
CA PHE B 70 23.11 37.04 12.31
C PHE B 70 22.91 35.83 11.41
N MET B 71 21.92 35.88 10.54
CA MET B 71 21.61 34.75 9.67
C MET B 71 22.70 34.47 8.64
N VAL B 72 23.70 35.33 8.58
CA VAL B 72 24.82 35.06 7.71
C VAL B 72 26.10 34.81 8.48
N SER B 73 26.05 35.00 9.79
CA SER B 73 27.23 34.79 10.63
C SER B 73 27.73 33.33 10.69
N GLY B 74 26.94 32.41 10.13
CA GLY B 74 27.30 31.01 10.16
C GLY B 74 26.39 30.21 9.27
N PRO B 75 26.59 28.89 9.22
CA PRO B 75 25.80 27.99 8.38
C PRO B 75 24.32 27.99 8.72
N ILE B 76 23.53 27.43 7.83
CA ILE B 76 22.09 27.32 7.98
C ILE B 76 21.63 26.09 7.24
N ILE B 77 20.60 25.42 7.73
CA ILE B 77 20.04 24.30 7.02
C ILE B 77 18.59 24.60 6.71
N SER B 78 18.23 24.54 5.44
CA SER B 78 16.86 24.77 5.01
C SER B 78 16.18 23.42 4.82
N ILE B 79 15.05 23.23 5.49
CA ILE B 79 14.32 21.98 5.32
C ILE B 79 12.83 22.19 5.10
N VAL B 80 12.31 21.54 4.06
CA VAL B 80 10.88 21.45 3.90
C VAL B 80 10.40 20.19 4.61
N TYR B 81 9.55 20.36 5.61
CA TYR B 81 8.95 19.25 6.33
C TYR B 81 7.52 19.02 5.91
N GLU B 82 7.07 17.76 5.95
CA GLU B 82 5.74 17.42 5.48
C GLU B 82 5.01 16.49 6.43
N GLY B 83 3.75 16.81 6.70
CA GLY B 83 2.91 15.99 7.55
C GLY B 83 1.56 16.63 7.73
N THR B 84 0.58 15.86 8.21
CA THR B 84 -0.72 16.44 8.50
C THR B 84 -0.58 17.64 9.43
N ASP B 85 -0.79 18.84 8.90
CA ASP B 85 -0.79 20.04 9.73
C ASP B 85 0.62 20.46 10.18
N ALA B 86 1.60 20.11 9.35
CA ALA B 86 2.98 20.36 9.67
C ALA B 86 3.23 21.79 10.15
N ILE B 87 2.44 22.74 9.67
CA ILE B 87 2.81 24.13 9.86
C ILE B 87 2.53 24.60 11.28
N SER B 88 1.32 24.38 11.76
CA SER B 88 1.00 24.74 13.13
C SER B 88 1.67 23.78 14.11
N LYS B 89 1.58 22.48 13.80
CA LYS B 89 2.22 21.46 14.63
C LYS B 89 3.70 21.77 14.87
N ILE B 90 4.44 22.01 13.81
CA ILE B 90 5.84 22.40 13.98
C ILE B 90 6.01 23.77 14.65
N ARG B 91 5.12 24.71 14.37
CA ARG B 91 5.20 25.99 15.06
C ARG B 91 5.09 25.77 16.57
N ARG B 92 4.22 24.86 16.99
CA ARG B 92 4.11 24.54 18.41
C ARG B 92 5.39 23.95 18.94
N LEU B 93 5.94 22.94 18.25
CA LEU B 93 7.21 22.35 18.66
C LEU B 93 8.23 23.44 18.87
N GLN B 94 8.29 24.35 17.88
CA GLN B 94 9.27 25.44 17.87
C GLN B 94 9.25 26.28 19.12
N GLY B 95 8.05 26.71 19.54
CA GLY B 95 7.89 27.56 20.71
C GLY B 95 7.96 29.07 20.46
N ASN B 96 7.52 29.83 21.44
CA ASN B 96 7.43 31.29 21.35
C ASN B 96 8.80 31.97 21.11
N THR B 97 8.81 33.10 20.42
CA THR B 97 10.08 33.75 20.07
C THR B 97 10.82 34.27 21.30
N ASN B 98 10.03 34.78 22.23
CA ASN B 98 10.55 35.41 23.43
C ASN B 98 11.01 34.38 24.46
N PRO B 99 12.31 34.43 24.81
CA PRO B 99 12.82 33.51 25.81
C PRO B 99 12.06 33.62 27.14
N LEU B 100 11.31 34.70 27.35
CA LEU B 100 10.50 34.83 28.57
C LEU B 100 9.11 34.21 28.45
N ALA B 101 8.81 33.58 27.31
CA ALA B 101 7.44 33.10 27.08
C ALA B 101 7.36 31.67 26.55
N SER B 102 8.38 31.25 25.80
CA SER B 102 8.48 29.92 25.22
C SER B 102 8.45 28.88 26.32
N ALA B 103 7.65 27.83 26.13
CA ALA B 103 7.41 26.86 27.18
C ALA B 103 8.51 25.80 27.28
N PRO B 104 8.76 25.30 28.50
CA PRO B 104 9.55 24.08 28.61
C PRO B 104 8.84 22.98 27.84
N GLY B 105 9.60 22.17 27.12
CA GLY B 105 9.01 21.21 26.21
C GLY B 105 9.16 21.62 24.76
N THR B 106 9.41 22.89 24.50
CA THR B 106 9.55 23.34 23.13
C THR B 106 11.03 23.54 22.81
N ILE B 107 11.36 23.62 21.53
CA ILE B 107 12.75 23.73 21.14
C ILE B 107 13.35 24.97 21.77
N ARG B 108 12.70 26.11 21.59
CA ARG B 108 13.22 27.35 22.14
C ARG B 108 13.15 27.39 23.66
N GLY B 109 12.09 26.81 24.20
CA GLY B 109 11.86 26.81 25.63
C GLY B 109 12.94 26.03 26.36
N ASP B 110 13.38 24.93 25.75
CA ASP B 110 14.41 24.07 26.34
C ASP B 110 15.81 24.59 26.04
N LEU B 111 16.01 25.13 24.85
CA LEU B 111 17.34 25.36 24.29
C LEU B 111 17.71 26.81 23.94
N ALA B 112 16.73 27.67 23.75
CA ALA B 112 17.03 29.08 23.41
C ALA B 112 17.01 29.98 24.63
N ASN B 113 17.82 31.03 24.59
CA ASN B 113 17.85 31.99 25.69
C ASN B 113 18.07 33.40 25.19
N ASP B 114 17.46 33.74 24.06
CA ASP B 114 17.69 35.02 23.39
C ASP B 114 16.62 35.21 22.30
N ILE B 115 16.21 36.46 22.09
CA ILE B 115 15.12 36.77 21.17
C ILE B 115 15.51 36.48 19.74
N ARG B 116 16.77 36.72 19.40
CA ARG B 116 17.25 36.61 18.02
C ARG B 116 17.96 35.30 17.76
N GLU B 117 18.80 34.89 18.70
CA GLU B 117 19.50 33.62 18.59
C GLU B 117 18.60 32.52 19.11
N ASN B 118 17.64 32.14 18.29
CA ASN B 118 16.58 31.23 18.70
C ASN B 118 16.56 29.90 17.93
N LEU B 119 17.67 29.58 17.28
CA LEU B 119 17.91 28.23 16.77
C LEU B 119 17.13 27.82 15.52
N ILE B 120 15.86 28.21 15.43
CA ILE B 120 15.00 27.66 14.40
C ILE B 120 14.02 28.66 13.79
N HIS B 121 13.86 28.63 12.47
CA HIS B 121 12.73 29.29 11.87
C HIS B 121 11.71 28.27 11.42
N ALA B 122 10.44 28.64 11.49
CA ALA B 122 9.38 27.81 10.95
C ALA B 122 8.27 28.69 10.35
N SER B 123 7.74 28.26 9.21
CA SER B 123 6.71 28.99 8.50
C SER B 123 5.51 29.20 9.41
N ASP B 124 4.82 30.34 9.24
CA ASP B 124 3.70 30.73 10.12
C ASP B 124 2.35 30.43 9.48
N SER B 125 2.36 30.13 8.19
CA SER B 125 1.11 29.92 7.44
C SER B 125 1.34 29.19 6.13
N GLU B 126 0.26 28.76 5.49
CA GLU B 126 0.33 28.24 4.13
C GLU B 126 0.90 29.30 3.20
N ASP B 127 0.54 30.55 3.48
CA ASP B 127 1.11 31.70 2.79
C ASP B 127 2.63 31.56 2.76
N SER B 128 3.23 31.85 3.90
CA SER B 128 4.68 31.95 3.99
C SER B 128 5.35 30.61 3.75
N ALA B 129 4.59 29.54 3.96
CA ALA B 129 5.08 28.22 3.62
C ALA B 129 5.53 28.17 2.15
N VAL B 130 4.73 28.74 1.25
CA VAL B 130 5.05 28.68 -0.18
C VAL B 130 6.09 29.73 -0.64
N ASP B 131 6.00 30.94 -0.10
CA ASP B 131 7.02 31.96 -0.35
C ASP B 131 8.37 31.38 -0.03
N GLU B 132 8.47 30.91 1.21
CA GLU B 132 9.74 30.48 1.81
C GLU B 132 10.29 29.23 1.15
N ILE B 133 9.42 28.29 0.79
CA ILE B 133 9.88 27.11 0.08
C ILE B 133 10.42 27.50 -1.27
N SER B 134 9.74 28.45 -1.92
CA SER B 134 10.13 28.90 -3.25
C SER B 134 11.47 29.63 -3.24
N ILE B 135 11.74 30.36 -2.15
CA ILE B 135 13.01 31.05 -1.94
C ILE B 135 14.18 30.07 -1.84
N TRP B 136 13.99 29.03 -1.01
CA TRP B 136 15.08 28.11 -0.68
C TRP B 136 15.16 26.95 -1.65
N PHE B 137 14.03 26.66 -2.29
CA PHE B 137 13.96 25.53 -3.20
C PHE B 137 13.16 25.91 -4.47
N PRO B 138 13.85 26.38 -5.51
CA PRO B 138 13.10 26.61 -6.75
C PRO B 138 13.50 25.61 -7.83
N LEU C 6 -2.63 7.78 46.56
CA LEU C 6 -1.82 6.58 46.33
C LEU C 6 -2.60 5.52 45.53
N GLN C 7 -2.91 5.83 44.26
CA GLN C 7 -3.73 4.96 43.42
C GLN C 7 -2.96 4.10 42.40
N ARG C 8 -3.71 3.29 41.66
CA ARG C 8 -3.17 2.49 40.56
C ARG C 8 -3.93 2.80 39.28
N THR C 9 -3.22 2.85 38.15
CA THR C 9 -3.86 3.20 36.89
C THR C 9 -3.51 2.19 35.80
N LEU C 10 -4.28 2.17 34.71
CA LEU C 10 -4.03 1.21 33.64
C LEU C 10 -3.51 1.91 32.38
N VAL C 11 -2.35 1.49 31.91
CA VAL C 11 -1.79 2.08 30.69
C VAL C 11 -1.75 1.01 29.61
N LEU C 12 -1.91 1.41 28.35
CA LEU C 12 -1.72 0.51 27.24
C LEU C 12 -0.71 1.16 26.31
N ILE C 13 0.43 0.50 26.12
CA ILE C 13 1.37 0.89 25.08
C ILE C 13 0.79 0.37 23.79
N LYS C 14 0.58 1.24 22.81
CA LYS C 14 -0.25 0.88 21.67
C LYS C 14 0.55 0.38 20.46
N PRO C 15 -0.13 -0.30 19.53
CA PRO C 15 0.55 -0.93 18.42
C PRO C 15 1.51 0.00 17.71
N ASP C 16 1.12 1.23 17.44
CA ASP C 16 2.02 2.16 16.78
C ASP C 16 3.31 2.40 17.57
N ALA C 17 3.28 2.17 18.88
CA ALA C 17 4.48 2.34 19.70
C ALA C 17 5.54 1.30 19.32
N PHE C 18 5.09 0.11 18.96
CA PHE C 18 6.00 -0.96 18.58
C PHE C 18 6.48 -0.77 17.17
N GLU C 19 5.58 -0.25 16.35
CA GLU C 19 5.84 -0.06 14.94
C GLU C 19 6.98 0.92 14.79
N ARG C 20 6.94 1.99 15.61
CA ARG C 20 7.91 3.07 15.52
C ARG C 20 9.00 2.92 16.56
N SER C 21 9.05 1.76 17.19
CA SER C 21 10.07 1.47 18.20
C SER C 21 10.12 2.49 19.35
N LEU C 22 8.96 2.77 19.94
CA LEU C 22 8.85 3.80 20.95
C LEU C 22 8.47 3.24 22.29
N VAL C 23 8.33 1.94 22.38
CA VAL C 23 7.94 1.33 23.62
C VAL C 23 8.83 1.80 24.79
N ALA C 24 10.14 1.67 24.66
CA ALA C 24 11.01 2.04 25.78
C ALA C 24 10.93 3.52 26.12
N GLU C 25 10.92 4.38 25.10
CA GLU C 25 10.84 5.83 25.29
C GLU C 25 9.64 6.24 26.12
N ILE C 26 8.48 5.69 25.75
CA ILE C 26 7.25 5.93 26.46
C ILE C 26 7.37 5.49 27.89
N MET C 27 7.55 4.19 28.08
CA MET C 27 7.62 3.64 29.43
C MET C 27 8.61 4.40 30.25
N GLY C 28 9.71 4.79 29.64
CA GLY C 28 10.76 5.44 30.36
C GLY C 28 10.35 6.79 30.90
N ARG C 29 9.43 7.44 30.22
CA ARG C 29 8.94 8.75 30.66
C ARG C 29 8.16 8.60 31.95
N ILE C 30 7.29 7.60 31.98
CA ILE C 30 6.54 7.30 33.18
C ILE C 30 7.49 6.81 34.25
N GLU C 31 8.54 6.11 33.88
CA GLU C 31 9.51 5.60 34.85
C GLU C 31 10.33 6.76 35.44
N LYS C 32 10.62 7.76 34.63
CA LYS C 32 11.42 8.89 35.11
C LYS C 32 10.57 9.78 36.05
N LYS C 33 9.26 9.63 35.98
CA LYS C 33 8.35 10.44 36.77
C LYS C 33 8.09 9.70 38.08
N ASN C 34 8.81 8.61 38.25
CA ASN C 34 8.86 7.87 39.52
C ASN C 34 7.71 6.90 39.81
N PHE C 35 6.80 6.70 38.86
CA PHE C 35 5.77 5.69 39.04
C PHE C 35 6.34 4.28 38.98
N LYS C 36 5.67 3.35 39.68
CA LYS C 36 6.13 1.97 39.77
C LYS C 36 5.23 1.00 39.01
N ILE C 37 5.83 -0.08 38.51
CA ILE C 37 5.08 -1.12 37.85
C ILE C 37 4.61 -2.13 38.85
N VAL C 38 3.35 -2.51 38.71
CA VAL C 38 2.67 -3.39 39.62
C VAL C 38 2.32 -4.64 38.84
N SER C 39 2.04 -4.45 37.56
CA SER C 39 1.62 -5.52 36.67
C SER C 39 2.04 -5.19 35.27
N MET C 40 2.37 -6.21 34.49
CA MET C 40 2.68 -6.00 33.09
C MET C 40 2.46 -7.26 32.30
N LYS C 41 1.71 -7.10 31.22
CA LYS C 41 1.40 -8.22 30.35
C LYS C 41 1.71 -7.77 28.92
N PHE C 42 2.37 -8.63 28.15
CA PHE C 42 2.63 -8.33 26.75
C PHE C 42 1.71 -9.17 25.88
N TRP C 43 1.01 -8.54 24.96
CA TRP C 43 0.14 -9.24 24.04
C TRP C 43 0.67 -9.07 22.62
N SER C 44 0.99 -10.17 21.95
CA SER C 44 1.37 -10.05 20.55
C SER C 44 0.16 -9.55 19.77
N LYS C 45 -1.00 -10.11 20.07
CA LYS C 45 -2.25 -9.59 19.53
C LYS C 45 -3.28 -9.73 20.62
N ALA C 46 -3.78 -8.61 21.10
CA ALA C 46 -4.84 -8.59 22.10
C ALA C 46 -6.11 -9.22 21.54
N PRO C 47 -6.83 -9.98 22.36
CA PRO C 47 -8.16 -10.49 22.02
C PRO C 47 -9.14 -9.34 21.80
N ARG C 48 -9.97 -9.43 20.77
CA ARG C 48 -10.79 -8.29 20.41
C ARG C 48 -11.82 -8.00 21.49
N ASN C 49 -12.31 -9.06 22.12
CA ASN C 49 -13.19 -8.94 23.28
C ASN C 49 -12.64 -7.94 24.31
N LEU C 50 -11.38 -8.14 24.71
CA LEU C 50 -10.73 -7.27 25.68
C LEU C 50 -10.69 -5.85 25.17
N ILE C 51 -10.32 -5.66 23.92
CA ILE C 51 -10.26 -4.31 23.38
C ILE C 51 -11.63 -3.65 23.38
N GLU C 52 -12.66 -4.40 22.98
CA GLU C 52 -14.05 -3.94 23.00
C GLU C 52 -14.51 -3.51 24.40
N GLN C 53 -14.30 -4.35 25.40
CA GLN C 53 -14.58 -3.99 26.80
C GLN C 53 -13.82 -2.73 27.17
N HIS C 54 -12.51 -2.75 26.91
CA HIS C 54 -11.67 -1.64 27.32
C HIS C 54 -12.27 -0.33 26.84
N TYR C 55 -12.83 -0.34 25.65
CA TYR C 55 -13.33 0.89 25.05
C TYR C 55 -14.85 0.98 24.99
N LYS C 56 -15.54 0.21 25.84
CA LYS C 56 -17.00 0.08 25.74
C LYS C 56 -17.76 1.43 25.72
N GLU C 57 -17.30 2.38 26.53
CA GLU C 57 -17.90 3.70 26.57
C GLU C 57 -17.88 4.35 25.20
N HIS C 58 -17.06 3.80 24.30
CA HIS C 58 -16.92 4.38 22.97
C HIS C 58 -17.63 3.59 21.90
N SER C 59 -18.37 2.54 22.29
CA SER C 59 -18.98 1.61 21.33
C SER C 59 -19.96 2.22 20.32
N GLU C 60 -20.47 3.41 20.62
CA GLU C 60 -21.44 4.06 19.73
C GLU C 60 -20.82 5.00 18.69
N GLN C 61 -19.54 5.34 18.87
CA GLN C 61 -18.88 6.33 18.01
C GLN C 61 -18.52 5.84 16.61
N SER C 62 -18.21 6.77 15.72
CA SER C 62 -17.91 6.43 14.33
C SER C 62 -16.57 5.72 14.22
N TYR C 63 -15.69 6.01 15.16
CA TYR C 63 -14.32 5.49 15.11
C TYR C 63 -14.16 4.18 15.85
N PHE C 64 -15.22 3.69 16.48
CA PHE C 64 -15.09 2.45 17.27
C PHE C 64 -14.49 1.32 16.44
N ASN C 65 -15.12 0.95 15.34
CA ASN C 65 -14.65 -0.16 14.54
C ASN C 65 -13.22 0.07 14.04
N ASP C 66 -12.91 1.30 13.65
CA ASP C 66 -11.55 1.62 13.21
C ASP C 66 -10.54 1.50 14.37
N LEU C 67 -10.90 2.03 15.53
CA LEU C 67 -10.07 1.96 16.71
C LEU C 67 -9.81 0.51 17.12
N CYS C 68 -10.85 -0.33 17.10
CA CYS C 68 -10.71 -1.73 17.47
C CYS C 68 -9.78 -2.46 16.53
N ASP C 69 -9.89 -2.13 15.24
CA ASP C 69 -9.05 -2.72 14.22
C ASP C 69 -7.60 -2.37 14.51
N PHE C 70 -7.36 -1.12 14.83
CA PHE C 70 -6.02 -0.63 15.03
C PHE C 70 -5.43 -1.23 16.30
N MET C 71 -6.23 -1.33 17.35
CA MET C 71 -5.71 -1.88 18.60
C MET C 71 -5.29 -3.36 18.49
N VAL C 72 -5.71 -4.02 17.42
CA VAL C 72 -5.30 -5.40 17.20
C VAL C 72 -4.37 -5.54 16.01
N SER C 73 -3.97 -4.42 15.42
CA SER C 73 -3.10 -4.41 14.26
C SER C 73 -1.64 -4.70 14.65
N GLY C 74 -1.38 -4.81 15.95
CA GLY C 74 -0.04 -5.08 16.44
C GLY C 74 -0.02 -5.38 17.92
N PRO C 75 1.17 -5.66 18.47
CA PRO C 75 1.26 -5.96 19.90
C PRO C 75 0.78 -4.78 20.72
N ILE C 76 0.74 -5.00 22.03
CA ILE C 76 0.25 -4.03 23.00
C ILE C 76 0.80 -4.43 24.34
N ILE C 77 1.19 -3.47 25.17
CA ILE C 77 1.51 -3.84 26.54
C ILE C 77 0.53 -3.20 27.49
N SER C 78 -0.08 -4.01 28.35
CA SER C 78 -0.90 -3.47 29.41
C SER C 78 -0.07 -3.37 30.68
N ILE C 79 0.01 -2.17 31.23
CA ILE C 79 0.78 -1.94 32.45
C ILE C 79 -0.15 -1.38 33.52
N VAL C 80 0.09 -1.73 34.77
CA VAL C 80 -0.56 -1.07 35.88
C VAL C 80 0.51 -0.37 36.68
N TYR C 81 0.44 0.95 36.73
CA TYR C 81 1.36 1.73 37.53
C TYR C 81 0.72 2.13 38.84
N GLU C 82 1.59 2.48 39.80
CA GLU C 82 1.18 2.85 41.14
C GLU C 82 1.97 4.06 41.61
N GLY C 83 1.27 5.04 42.17
CA GLY C 83 1.93 6.21 42.69
C GLY C 83 0.92 7.15 43.28
N THR C 84 1.41 8.15 43.99
CA THR C 84 0.58 9.19 44.53
C THR C 84 -0.15 9.88 43.40
N ASP C 85 -1.48 9.80 43.41
CA ASP C 85 -2.32 10.44 42.40
C ASP C 85 -1.89 10.01 41.00
N ALA C 86 -1.62 8.73 40.85
CA ALA C 86 -1.08 8.19 39.60
C ALA C 86 -1.95 8.47 38.39
N ILE C 87 -3.26 8.37 38.56
CA ILE C 87 -4.19 8.51 37.44
C ILE C 87 -4.13 9.86 36.76
N SER C 88 -4.22 10.93 37.55
CA SER C 88 -4.26 12.25 36.98
C SER C 88 -2.88 12.64 36.49
N LYS C 89 -1.85 12.13 37.14
CA LYS C 89 -0.49 12.51 36.78
C LYS C 89 -0.10 11.87 35.47
N ILE C 90 -0.45 10.62 35.26
CA ILE C 90 -0.08 9.95 34.03
C ILE C 90 -0.87 10.51 32.85
N ARG C 91 -2.13 10.85 33.08
CA ARG C 91 -2.93 11.54 32.06
C ARG C 91 -2.31 12.89 31.60
N ARG C 92 -1.62 13.59 32.50
CA ARG C 92 -0.90 14.81 32.09
C ARG C 92 0.31 14.47 31.24
N LEU C 93 0.99 13.37 31.55
CA LEU C 93 2.18 13.01 30.77
C LEU C 93 1.72 12.59 29.40
N GLN C 94 0.60 11.87 29.36
CA GLN C 94 0.03 11.36 28.11
C GLN C 94 -0.13 12.43 27.05
N GLY C 95 -0.80 13.53 27.40
CA GLY C 95 -1.07 14.62 26.47
C GLY C 95 -2.42 14.47 25.81
N ASN C 96 -2.93 15.57 25.25
CA ASN C 96 -4.26 15.59 24.62
C ASN C 96 -4.39 14.60 23.48
N THR C 97 -5.59 14.05 23.28
CA THR C 97 -5.79 13.10 22.18
C THR C 97 -5.55 13.73 20.79
N ASN C 98 -5.75 15.04 20.68
CA ASN C 98 -5.68 15.74 19.40
C ASN C 98 -4.27 16.31 19.17
N PRO C 99 -3.66 15.97 18.04
CA PRO C 99 -2.32 16.43 17.63
C PRO C 99 -2.22 17.96 17.44
N LEU C 100 -3.36 18.66 17.56
CA LEU C 100 -3.39 20.13 17.50
C LEU C 100 -3.52 20.72 18.89
N ALA C 101 -3.78 19.85 19.86
CA ALA C 101 -3.91 20.27 21.25
C ALA C 101 -2.71 19.90 22.14
N SER C 102 -2.15 18.71 21.92
CA SER C 102 -1.17 18.12 22.86
C SER C 102 0.09 18.97 23.02
N ALA C 103 0.47 19.22 24.26
CA ALA C 103 1.58 20.14 24.52
C ALA C 103 2.93 19.50 24.22
N PRO C 104 3.87 20.27 23.65
CA PRO C 104 5.23 19.76 23.63
C PRO C 104 5.64 19.52 25.07
N GLY C 105 6.24 18.37 25.33
CA GLY C 105 6.56 17.95 26.67
C GLY C 105 5.81 16.67 27.05
N THR C 106 4.63 16.49 26.48
CA THR C 106 3.84 15.30 26.74
C THR C 106 4.25 14.20 25.79
N ILE C 107 3.87 12.98 26.13
CA ILE C 107 4.14 11.82 25.30
C ILE C 107 3.53 12.02 23.92
N ARG C 108 2.25 12.38 23.87
CA ARG C 108 1.60 12.62 22.58
C ARG C 108 2.07 13.89 21.87
N GLY C 109 2.38 14.92 22.65
CA GLY C 109 2.86 16.16 22.08
C GLY C 109 4.21 16.04 21.41
N ASP C 110 5.12 15.28 22.01
CA ASP C 110 6.46 15.11 21.45
C ASP C 110 6.51 14.06 20.34
N LEU C 111 5.64 13.05 20.42
CA LEU C 111 5.81 11.85 19.60
C LEU C 111 4.63 11.38 18.75
N ALA C 112 3.42 11.83 19.03
CA ALA C 112 2.29 11.36 18.24
C ALA C 112 1.77 12.43 17.26
N ASN C 113 1.30 11.98 16.11
CA ASN C 113 0.82 12.91 15.10
C ASN C 113 -0.43 12.43 14.43
N ASP C 114 -1.33 11.83 15.20
CA ASP C 114 -2.56 11.31 14.63
C ASP C 114 -3.51 11.12 15.78
N ILE C 115 -4.80 11.30 15.54
CA ILE C 115 -5.80 11.24 16.59
C ILE C 115 -5.99 9.80 17.07
N ARG C 116 -5.74 8.83 16.20
CA ARG C 116 -5.93 7.44 16.60
C ARG C 116 -4.64 6.73 16.96
N GLU C 117 -3.62 6.90 16.12
CA GLU C 117 -2.30 6.33 16.39
C GLU C 117 -1.57 7.26 17.33
N ASN C 118 -1.86 7.07 18.61
CA ASN C 118 -1.46 7.98 19.66
C ASN C 118 -0.71 7.28 20.79
N LEU C 119 -0.14 6.11 20.49
CA LEU C 119 0.91 5.49 21.28
C LEU C 119 0.54 4.89 22.65
N ILE C 120 -0.42 5.49 23.34
CA ILE C 120 -0.61 5.19 24.76
C ILE C 120 -2.03 5.44 25.25
N HIS C 121 -2.58 4.49 26.00
CA HIS C 121 -3.83 4.72 26.71
C HIS C 121 -3.56 4.90 28.20
N ALA C 122 -4.27 5.81 28.84
CA ALA C 122 -4.24 5.90 30.31
C ALA C 122 -5.65 6.11 30.87
N SER C 123 -5.99 5.36 31.91
CA SER C 123 -7.27 5.50 32.58
C SER C 123 -7.57 6.96 32.82
N ASP C 124 -8.82 7.36 32.58
CA ASP C 124 -9.21 8.76 32.80
C ASP C 124 -9.72 9.04 34.21
N SER C 125 -10.08 8.00 34.96
CA SER C 125 -10.71 8.17 36.26
C SER C 125 -10.52 6.96 37.17
N GLU C 126 -10.79 7.12 38.46
CA GLU C 126 -10.73 6.02 39.40
C GLU C 126 -11.68 4.92 38.96
N ASP C 127 -12.85 5.32 38.50
CA ASP C 127 -13.83 4.33 38.07
C ASP C 127 -13.29 3.57 36.88
N SER C 128 -12.99 4.29 35.82
CA SER C 128 -12.51 3.66 34.61
C SER C 128 -11.22 2.88 34.90
N ALA C 129 -10.42 3.37 35.82
CA ALA C 129 -9.16 2.69 36.15
C ALA C 129 -9.39 1.33 36.81
N VAL C 130 -10.28 1.26 37.80
CA VAL C 130 -10.64 -0.01 38.43
C VAL C 130 -11.18 -0.97 37.38
N ASP C 131 -12.11 -0.46 36.58
CA ASP C 131 -12.77 -1.23 35.57
C ASP C 131 -11.75 -1.79 34.59
N GLU C 132 -10.92 -0.91 34.05
CA GLU C 132 -9.92 -1.30 33.07
C GLU C 132 -8.91 -2.30 33.63
N ILE C 133 -8.51 -2.10 34.88
CA ILE C 133 -7.54 -3.00 35.50
C ILE C 133 -8.12 -4.40 35.60
N SER C 134 -9.42 -4.48 35.91
CA SER C 134 -10.05 -5.79 36.07
C SER C 134 -10.20 -6.53 34.74
N ILE C 135 -10.15 -5.78 33.64
CA ILE C 135 -10.25 -6.34 32.30
C ILE C 135 -8.96 -7.00 31.87
N TRP C 136 -7.86 -6.28 32.03
CA TRP C 136 -6.55 -6.73 31.58
C TRP C 136 -5.87 -7.62 32.62
N PHE C 137 -6.44 -7.66 33.82
CA PHE C 137 -5.85 -8.38 34.95
C PHE C 137 -6.90 -8.98 35.89
N PRO C 138 -7.72 -9.88 35.36
CA PRO C 138 -8.70 -10.59 36.19
C PRO C 138 -8.03 -11.60 37.13
N GLN D 7 13.50 -23.22 -36.05
CA GLN D 7 14.16 -22.10 -35.33
C GLN D 7 13.90 -22.06 -33.83
N ARG D 8 14.65 -21.20 -33.13
CA ARG D 8 14.54 -21.09 -31.68
C ARG D 8 14.17 -19.67 -31.24
N THR D 9 13.44 -19.56 -30.13
CA THR D 9 13.00 -18.27 -29.60
C THR D 9 13.21 -18.23 -28.09
N LEU D 10 13.45 -17.06 -27.54
CA LEU D 10 13.64 -16.90 -26.11
C LEU D 10 12.37 -16.35 -25.48
N VAL D 11 11.89 -16.98 -24.40
CA VAL D 11 10.68 -16.53 -23.71
C VAL D 11 10.98 -16.18 -22.26
N LEU D 12 10.38 -15.09 -21.79
CA LEU D 12 10.45 -14.78 -20.38
C LEU D 12 9.05 -14.84 -19.79
N ILE D 13 8.90 -15.70 -18.78
CA ILE D 13 7.77 -15.70 -17.89
C ILE D 13 8.09 -14.67 -16.82
N LYS D 14 7.26 -13.64 -16.75
CA LYS D 14 7.55 -12.43 -15.99
C LYS D 14 7.07 -12.52 -14.55
N PRO D 15 7.56 -11.60 -13.69
CA PRO D 15 7.24 -11.71 -12.26
C PRO D 15 5.76 -11.68 -11.95
N ASP D 16 4.95 -11.07 -12.80
CA ASP D 16 3.52 -11.06 -12.54
C ASP D 16 2.86 -12.43 -12.78
N ALA D 17 3.43 -13.21 -13.69
CA ALA D 17 3.03 -14.61 -13.86
C ALA D 17 3.16 -15.35 -12.55
N PHE D 18 4.19 -15.03 -11.77
CA PHE D 18 4.40 -15.70 -10.50
C PHE D 18 3.47 -15.16 -9.44
N GLU D 19 3.22 -13.86 -9.47
CA GLU D 19 2.34 -13.24 -8.50
C GLU D 19 0.96 -13.85 -8.64
N ARG D 20 0.55 -14.04 -9.89
CA ARG D 20 -0.80 -14.46 -10.17
C ARG D 20 -0.98 -15.94 -10.42
N SER D 21 0.06 -16.73 -10.14
CA SER D 21 0.03 -18.19 -10.30
C SER D 21 -0.32 -18.67 -11.73
N LEU D 22 0.21 -17.95 -12.71
CA LEU D 22 -0.16 -18.19 -14.08
C LEU D 22 0.97 -18.83 -14.84
N VAL D 23 2.00 -19.28 -14.13
CA VAL D 23 3.18 -19.81 -14.81
C VAL D 23 2.86 -21.08 -15.63
N ALA D 24 2.32 -22.11 -14.99
CA ALA D 24 1.90 -23.32 -15.69
C ALA D 24 0.95 -23.00 -16.83
N GLU D 25 0.00 -22.10 -16.57
CA GLU D 25 -0.98 -21.69 -17.57
C GLU D 25 -0.31 -21.19 -18.84
N ILE D 26 0.58 -20.21 -18.68
CA ILE D 26 1.34 -19.66 -19.79
C ILE D 26 2.17 -20.74 -20.48
N MET D 27 2.94 -21.51 -19.72
CA MET D 27 3.76 -22.54 -20.32
C MET D 27 2.92 -23.65 -20.94
N GLY D 28 1.77 -23.93 -20.33
CA GLY D 28 0.86 -24.91 -20.86
C GLY D 28 0.42 -24.53 -22.25
N ARG D 29 0.19 -23.24 -22.49
CA ARG D 29 -0.29 -22.79 -23.79
C ARG D 29 0.73 -23.02 -24.90
N ILE D 30 1.99 -22.89 -24.56
CA ILE D 30 3.05 -23.17 -25.50
C ILE D 30 3.26 -24.69 -25.65
N GLU D 31 3.18 -25.43 -24.54
CA GLU D 31 3.33 -26.88 -24.60
C GLU D 31 2.28 -27.50 -25.53
N LYS D 32 1.03 -27.05 -25.35
CA LYS D 32 -0.12 -27.57 -26.09
C LYS D 32 0.00 -27.33 -27.58
N LYS D 33 0.71 -26.27 -27.96
CA LYS D 33 0.93 -25.93 -29.35
C LYS D 33 2.10 -26.73 -29.91
N ASN D 34 2.70 -27.54 -29.05
CA ASN D 34 3.71 -28.49 -29.45
C ASN D 34 5.09 -27.91 -29.68
N PHE D 35 5.45 -26.89 -28.91
CA PHE D 35 6.82 -26.39 -28.92
C PHE D 35 7.62 -27.03 -27.79
N LYS D 36 8.85 -27.43 -28.11
CA LYS D 36 9.69 -28.16 -27.18
C LYS D 36 10.69 -27.24 -26.49
N ILE D 37 10.90 -27.49 -25.20
CA ILE D 37 11.87 -26.75 -24.43
C ILE D 37 13.29 -27.27 -24.67
N VAL D 38 14.18 -26.33 -24.96
CA VAL D 38 15.56 -26.67 -25.22
C VAL D 38 16.45 -26.27 -24.05
N SER D 39 16.20 -25.09 -23.50
CA SER D 39 16.89 -24.65 -22.32
C SER D 39 15.93 -23.94 -21.39
N MET D 40 16.25 -23.89 -20.10
CA MET D 40 15.42 -23.19 -19.15
C MET D 40 16.16 -22.93 -17.84
N LYS D 41 16.14 -21.67 -17.39
CA LYS D 41 16.72 -21.26 -16.11
C LYS D 41 15.61 -20.63 -15.27
N PHE D 42 15.65 -20.84 -13.96
CA PHE D 42 14.75 -20.15 -13.05
C PHE D 42 15.54 -19.10 -12.28
N TRP D 43 15.11 -17.85 -12.39
CA TRP D 43 15.78 -16.75 -11.71
C TRP D 43 14.91 -16.28 -10.56
N SER D 44 15.34 -16.50 -9.33
CA SER D 44 14.57 -16.01 -8.19
C SER D 44 14.44 -14.50 -8.31
N LYS D 45 15.49 -13.89 -8.84
CA LYS D 45 15.51 -12.46 -9.10
C LYS D 45 16.60 -12.30 -10.14
N ALA D 46 16.21 -11.94 -11.35
CA ALA D 46 17.19 -11.81 -12.43
C ALA D 46 18.15 -10.68 -12.12
N PRO D 47 19.43 -10.89 -12.41
CA PRO D 47 20.41 -9.82 -12.32
C PRO D 47 20.02 -8.62 -13.17
N ARG D 48 20.02 -7.44 -12.56
CA ARG D 48 19.68 -6.22 -13.28
C ARG D 48 20.44 -6.06 -14.61
N ASN D 49 21.66 -6.59 -14.71
CA ASN D 49 22.42 -6.39 -15.93
C ASN D 49 21.81 -7.10 -17.13
N LEU D 50 21.28 -8.29 -16.89
CA LEU D 50 20.67 -9.08 -17.94
C LEU D 50 19.40 -8.43 -18.43
N ILE D 51 18.57 -7.96 -17.52
CA ILE D 51 17.35 -7.28 -17.90
C ILE D 51 17.64 -6.07 -18.76
N GLU D 52 18.66 -5.30 -18.39
CA GLU D 52 19.06 -4.09 -19.12
C GLU D 52 19.54 -4.45 -20.52
N GLN D 53 20.38 -5.47 -20.58
CA GLN D 53 20.80 -6.05 -21.85
C GLN D 53 19.59 -6.50 -22.63
N HIS D 54 18.76 -7.33 -22.00
CA HIS D 54 17.58 -7.86 -22.66
C HIS D 54 16.76 -6.75 -23.26
N TYR D 55 16.73 -5.60 -22.62
CA TYR D 55 15.93 -4.48 -23.10
C TYR D 55 16.72 -3.31 -23.65
N LYS D 56 18.00 -3.52 -23.95
CA LYS D 56 18.86 -2.43 -24.40
C LYS D 56 18.25 -1.54 -25.49
N GLU D 57 17.37 -2.08 -26.31
CA GLU D 57 16.74 -1.28 -27.36
C GLU D 57 15.68 -0.33 -26.80
N HIS D 58 15.57 -0.31 -25.48
CA HIS D 58 14.58 0.53 -24.81
C HIS D 58 15.27 1.48 -23.82
N SER D 59 16.60 1.50 -23.85
CA SER D 59 17.35 2.30 -22.87
C SER D 59 16.76 3.68 -22.79
N GLU D 60 16.33 4.19 -23.93
CA GLU D 60 16.01 5.59 -24.06
C GLU D 60 14.52 5.89 -24.00
N GLN D 61 13.70 4.90 -23.64
CA GLN D 61 12.26 5.14 -23.54
C GLN D 61 11.89 5.68 -22.16
N SER D 62 10.66 6.18 -22.03
CA SER D 62 10.22 6.77 -20.76
C SER D 62 10.03 5.68 -19.71
N TYR D 63 9.59 4.52 -20.20
CA TYR D 63 9.24 3.41 -19.33
C TYR D 63 10.42 2.54 -18.89
N PHE D 64 11.53 2.65 -19.60
CA PHE D 64 12.68 1.77 -19.36
C PHE D 64 12.99 1.46 -17.89
N ASN D 65 13.01 2.46 -17.05
CA ASN D 65 13.39 2.26 -15.66
C ASN D 65 12.29 1.62 -14.80
N ASP D 66 11.04 1.90 -15.14
CA ASP D 66 9.92 1.26 -14.45
C ASP D 66 9.75 -0.17 -14.98
N LEU D 67 10.39 -0.45 -16.11
CA LEU D 67 10.39 -1.75 -16.74
C LEU D 67 11.38 -2.69 -16.07
N CYS D 68 12.63 -2.25 -15.95
CA CYS D 68 13.67 -3.03 -15.28
C CYS D 68 13.33 -3.30 -13.81
N ASP D 69 12.74 -2.30 -13.16
CA ASP D 69 12.37 -2.43 -11.75
C ASP D 69 11.34 -3.53 -11.60
N PHE D 70 10.29 -3.45 -12.41
CA PHE D 70 9.32 -4.53 -12.46
C PHE D 70 9.99 -5.89 -12.69
N MET D 71 10.82 -5.99 -13.73
CA MET D 71 11.41 -7.27 -14.13
C MET D 71 12.31 -7.87 -13.06
N VAL D 72 12.57 -7.13 -11.99
CA VAL D 72 13.29 -7.71 -10.86
C VAL D 72 12.45 -7.82 -9.59
N SER D 73 11.22 -7.34 -9.65
CA SER D 73 10.34 -7.34 -8.49
C SER D 73 9.93 -8.75 -8.09
N GLY D 74 10.20 -9.72 -8.97
CA GLY D 74 9.87 -11.10 -8.70
C GLY D 74 10.63 -12.05 -9.60
N PRO D 75 10.36 -13.34 -9.48
CA PRO D 75 11.08 -14.34 -10.27
C PRO D 75 10.81 -14.24 -11.76
N ILE D 76 11.70 -14.86 -12.52
CA ILE D 76 11.60 -14.92 -13.96
C ILE D 76 11.99 -16.34 -14.35
N ILE D 77 11.30 -16.89 -15.33
CA ILE D 77 11.78 -18.09 -15.95
C ILE D 77 12.20 -17.73 -17.37
N SER D 78 13.46 -18.00 -17.71
CA SER D 78 13.87 -17.82 -19.10
C SER D 78 13.91 -19.17 -19.82
N ILE D 79 13.15 -19.28 -20.90
CA ILE D 79 13.00 -20.54 -21.62
C ILE D 79 13.40 -20.39 -23.07
N VAL D 80 14.27 -21.27 -23.56
CA VAL D 80 14.43 -21.34 -25.01
C VAL D 80 13.46 -22.38 -25.58
N TYR D 81 12.63 -21.94 -26.52
CA TYR D 81 11.72 -22.83 -27.19
C TYR D 81 12.21 -23.10 -28.58
N GLU D 82 11.75 -24.20 -29.16
CA GLU D 82 12.21 -24.62 -30.47
C GLU D 82 11.11 -25.32 -31.21
N GLY D 83 10.94 -24.96 -32.47
CA GLY D 83 9.93 -25.55 -33.32
C GLY D 83 9.91 -24.85 -34.66
N THR D 84 9.12 -25.41 -35.56
CA THR D 84 8.95 -24.84 -36.89
C THR D 84 8.34 -23.44 -36.79
N ASP D 85 9.10 -22.45 -37.25
CA ASP D 85 8.65 -21.05 -37.17
C ASP D 85 8.33 -20.60 -35.75
N ALA D 86 9.17 -21.00 -34.81
CA ALA D 86 8.90 -20.74 -33.40
C ALA D 86 8.69 -19.26 -33.11
N ILE D 87 9.50 -18.40 -33.74
CA ILE D 87 9.41 -16.96 -33.48
C ILE D 87 8.04 -16.36 -33.87
N SER D 88 7.71 -16.38 -35.15
CA SER D 88 6.41 -15.94 -35.59
C SER D 88 5.32 -16.54 -34.71
N LYS D 89 5.36 -17.86 -34.55
CA LYS D 89 4.22 -18.51 -33.93
C LYS D 89 4.03 -18.15 -32.46
N ILE D 90 5.12 -18.09 -31.70
CA ILE D 90 5.02 -17.81 -30.27
C ILE D 90 4.65 -16.33 -30.00
N ARG D 91 5.00 -15.43 -30.91
CA ARG D 91 4.56 -14.05 -30.81
C ARG D 91 3.04 -13.93 -30.99
N ARG D 92 2.49 -14.71 -31.91
CA ARG D 92 1.05 -14.73 -32.13
C ARG D 92 0.28 -15.17 -30.89
N LEU D 93 0.72 -16.28 -30.28
CA LEU D 93 0.14 -16.76 -29.04
C LEU D 93 0.18 -15.68 -27.98
N GLN D 94 1.32 -14.99 -27.92
CA GLN D 94 1.57 -13.98 -26.91
C GLN D 94 0.48 -12.92 -26.89
N GLY D 95 0.17 -12.39 -28.07
CA GLY D 95 -0.79 -11.32 -28.17
C GLY D 95 -0.05 -10.02 -28.07
N ASN D 96 -0.77 -8.92 -28.22
CA ASN D 96 -0.18 -7.60 -28.38
C ASN D 96 0.24 -6.91 -27.07
N THR D 97 1.27 -6.08 -27.13
CA THR D 97 1.73 -5.37 -25.94
C THR D 97 0.65 -4.50 -25.28
N ASN D 98 -0.03 -3.67 -26.07
CA ASN D 98 -1.14 -2.83 -25.60
C ASN D 98 -2.41 -3.63 -25.27
N PRO D 99 -2.87 -3.57 -24.00
CA PRO D 99 -4.02 -4.34 -23.49
C PRO D 99 -5.35 -4.00 -24.18
N LEU D 100 -5.36 -2.98 -25.04
CA LEU D 100 -6.53 -2.68 -25.86
C LEU D 100 -6.59 -3.65 -27.07
N ALA D 101 -5.43 -3.96 -27.64
CA ALA D 101 -5.33 -4.78 -28.85
C ALA D 101 -5.44 -6.30 -28.61
N SER D 102 -4.65 -6.81 -27.68
CA SER D 102 -4.56 -8.25 -27.42
C SER D 102 -5.87 -9.03 -27.56
N ALA D 103 -5.86 -10.02 -28.42
CA ALA D 103 -7.08 -10.73 -28.80
C ALA D 103 -7.44 -11.90 -27.89
N PRO D 104 -8.73 -12.10 -27.66
CA PRO D 104 -9.09 -13.26 -26.85
C PRO D 104 -8.58 -14.53 -27.51
N GLY D 105 -7.97 -15.41 -26.71
CA GLY D 105 -7.36 -16.60 -27.24
C GLY D 105 -5.86 -16.51 -27.12
N THR D 106 -5.33 -15.29 -27.21
CA THR D 106 -3.90 -15.10 -27.00
C THR D 106 -3.64 -15.08 -25.51
N ILE D 107 -2.39 -15.32 -25.13
CA ILE D 107 -2.01 -15.30 -23.74
C ILE D 107 -2.37 -13.95 -23.14
N ARG D 108 -1.78 -12.89 -23.67
CA ARG D 108 -2.08 -11.57 -23.14
C ARG D 108 -3.55 -11.18 -23.26
N GLY D 109 -4.24 -11.68 -24.28
CA GLY D 109 -5.64 -11.36 -24.46
C GLY D 109 -6.52 -12.01 -23.42
N ASP D 110 -6.19 -13.24 -23.04
CA ASP D 110 -6.96 -14.00 -22.06
C ASP D 110 -6.59 -13.64 -20.61
N LEU D 111 -5.40 -13.07 -20.41
CA LEU D 111 -4.78 -13.07 -19.09
C LEU D 111 -4.18 -11.76 -18.59
N ALA D 112 -3.66 -10.93 -19.48
CA ALA D 112 -3.03 -9.68 -19.04
C ALA D 112 -3.95 -8.44 -19.12
N ASN D 113 -3.62 -7.42 -18.36
CA ASN D 113 -4.48 -6.25 -18.31
C ASN D 113 -3.71 -4.96 -18.06
N ASP D 114 -2.44 -4.96 -18.45
CA ASP D 114 -1.56 -3.84 -18.16
C ASP D 114 -0.53 -3.71 -19.26
N ILE D 115 -0.10 -2.48 -19.52
CA ILE D 115 0.83 -2.29 -20.63
C ILE D 115 2.15 -2.97 -20.31
N ARG D 116 2.47 -3.03 -19.02
CA ARG D 116 3.78 -3.47 -18.54
C ARG D 116 3.72 -4.86 -17.92
N GLU D 117 2.75 -5.07 -17.07
CA GLU D 117 2.57 -6.38 -16.46
C GLU D 117 1.83 -7.25 -17.45
N ASN D 118 2.59 -7.81 -18.38
CA ASN D 118 2.03 -8.65 -19.45
C ASN D 118 2.51 -10.11 -19.45
N LEU D 119 2.90 -10.61 -18.28
CA LEU D 119 3.17 -12.04 -18.09
C LEU D 119 4.36 -12.61 -18.87
N ILE D 120 4.49 -12.26 -20.13
CA ILE D 120 5.39 -13.00 -21.01
C ILE D 120 6.16 -12.16 -22.02
N HIS D 121 7.43 -12.48 -22.18
CA HIS D 121 8.21 -11.92 -23.27
C HIS D 121 8.49 -12.98 -24.31
N ALA D 122 8.55 -12.57 -25.57
CA ALA D 122 8.87 -13.50 -26.64
C ALA D 122 9.66 -12.76 -27.71
N SER D 123 10.77 -13.35 -28.13
CA SER D 123 11.59 -12.76 -29.17
C SER D 123 10.76 -12.36 -30.40
N ASP D 124 11.12 -11.22 -31.00
CA ASP D 124 10.39 -10.66 -32.15
C ASP D 124 10.98 -11.00 -33.52
N SER D 125 12.26 -11.35 -33.56
CA SER D 125 12.97 -11.54 -34.83
C SER D 125 14.03 -12.62 -34.68
N GLU D 126 14.62 -13.04 -35.79
CA GLU D 126 15.75 -13.96 -35.71
C GLU D 126 16.95 -13.32 -35.00
N ASP D 127 17.18 -12.02 -35.20
CA ASP D 127 18.33 -11.35 -34.57
C ASP D 127 18.07 -11.20 -33.09
N SER D 128 16.86 -10.79 -32.75
CA SER D 128 16.49 -10.70 -31.34
C SER D 128 16.61 -12.03 -30.64
N ALA D 129 16.20 -13.11 -31.31
CA ALA D 129 16.30 -14.44 -30.71
C ALA D 129 17.75 -14.77 -30.39
N VAL D 130 18.65 -14.50 -31.32
CA VAL D 130 20.04 -14.84 -31.10
C VAL D 130 20.59 -14.00 -29.97
N ASP D 131 20.50 -12.70 -30.16
CA ASP D 131 20.95 -11.73 -29.17
C ASP D 131 20.42 -12.09 -27.79
N GLU D 132 19.11 -12.30 -27.69
CA GLU D 132 18.47 -12.63 -26.41
C GLU D 132 18.83 -13.99 -25.82
N ILE D 133 18.94 -15.01 -26.67
CA ILE D 133 19.33 -16.33 -26.20
C ILE D 133 20.74 -16.31 -25.60
N SER D 134 21.65 -15.56 -26.22
CA SER D 134 23.02 -15.50 -25.75
C SER D 134 23.18 -14.72 -24.44
N ILE D 135 22.16 -13.94 -24.11
CA ILE D 135 22.12 -13.20 -22.85
C ILE D 135 21.72 -14.10 -21.68
N TRP D 136 20.70 -14.92 -21.89
CA TRP D 136 20.20 -15.77 -20.82
C TRP D 136 20.90 -17.12 -20.80
N PHE D 137 21.65 -17.43 -21.87
CA PHE D 137 22.29 -18.74 -22.02
C PHE D 137 23.60 -18.69 -22.80
N PRO D 138 24.67 -18.16 -22.19
CA PRO D 138 25.95 -18.01 -22.91
C PRO D 138 26.83 -19.27 -22.86
N LEU E 6 -30.08 -24.37 -40.29
CA LEU E 6 -29.80 -25.64 -39.62
C LEU E 6 -29.22 -26.74 -40.51
N GLN E 7 -27.88 -26.82 -40.60
CA GLN E 7 -27.21 -27.79 -41.46
C GLN E 7 -26.47 -28.89 -40.67
N ARG E 8 -25.65 -29.70 -41.35
CA ARG E 8 -24.76 -30.67 -40.70
C ARG E 8 -23.42 -30.81 -41.43
N THR E 9 -22.32 -30.43 -40.77
CA THR E 9 -20.97 -30.57 -41.33
C THR E 9 -20.37 -31.94 -40.94
N LEU E 10 -19.44 -32.47 -41.75
CA LEU E 10 -18.74 -33.73 -41.40
C LEU E 10 -17.37 -33.39 -40.83
N VAL E 11 -17.02 -34.02 -39.71
CA VAL E 11 -15.78 -33.72 -39.02
C VAL E 11 -14.94 -34.96 -38.91
N LEU E 12 -13.64 -34.80 -39.12
CA LEU E 12 -12.71 -35.87 -38.89
C LEU E 12 -11.74 -35.47 -37.78
N ILE E 13 -11.61 -36.35 -36.80
CA ILE E 13 -10.53 -36.21 -35.84
C ILE E 13 -9.38 -37.08 -36.36
N LYS E 14 -8.31 -36.41 -36.78
CA LYS E 14 -7.20 -37.04 -37.47
C LYS E 14 -6.26 -37.84 -36.55
N PRO E 15 -5.44 -38.73 -37.13
CA PRO E 15 -4.50 -39.60 -36.41
C PRO E 15 -3.62 -38.84 -35.42
N ASP E 16 -3.23 -37.61 -35.77
CA ASP E 16 -2.39 -36.85 -34.87
C ASP E 16 -3.12 -36.46 -33.58
N ALA E 17 -4.44 -36.30 -33.64
CA ALA E 17 -5.16 -36.05 -32.41
C ALA E 17 -5.04 -37.23 -31.43
N PHE E 18 -5.06 -38.46 -31.93
CA PHE E 18 -4.87 -39.60 -31.04
C PHE E 18 -3.42 -39.67 -30.56
N GLU E 19 -2.48 -39.48 -31.48
CA GLU E 19 -1.07 -39.40 -31.15
C GLU E 19 -0.85 -38.54 -29.92
N ARG E 20 -1.48 -37.37 -29.89
CA ARG E 20 -1.18 -36.38 -28.89
C ARG E 20 -2.25 -36.33 -27.81
N SER E 21 -3.23 -37.21 -27.92
CA SER E 21 -4.28 -37.34 -26.92
C SER E 21 -5.16 -36.10 -26.82
N LEU E 22 -5.59 -35.57 -27.96
CA LEU E 22 -6.41 -34.38 -28.00
C LEU E 22 -7.80 -34.61 -28.57
N VAL E 23 -8.20 -35.87 -28.65
CA VAL E 23 -9.54 -36.20 -29.12
C VAL E 23 -10.62 -35.50 -28.29
N ALA E 24 -10.65 -35.79 -26.99
CA ALA E 24 -11.58 -35.12 -26.09
C ALA E 24 -11.48 -33.58 -26.18
N GLU E 25 -10.26 -33.07 -26.28
CA GLU E 25 -10.02 -31.64 -26.35
C GLU E 25 -10.73 -31.01 -27.53
N ILE E 26 -10.62 -31.66 -28.68
CA ILE E 26 -11.22 -31.15 -29.90
C ILE E 26 -12.73 -31.31 -29.87
N MET E 27 -13.20 -32.52 -29.60
CA MET E 27 -14.62 -32.72 -29.54
C MET E 27 -15.23 -31.82 -28.49
N GLY E 28 -14.46 -31.55 -27.44
CA GLY E 28 -14.96 -30.71 -26.37
C GLY E 28 -15.22 -29.30 -26.85
N ARG E 29 -14.34 -28.79 -27.70
CA ARG E 29 -14.51 -27.44 -28.20
C ARG E 29 -15.81 -27.30 -28.98
N ILE E 30 -16.10 -28.30 -29.81
CA ILE E 30 -17.29 -28.33 -30.65
C ILE E 30 -18.54 -28.51 -29.77
N GLU E 31 -18.49 -29.48 -28.86
CA GLU E 31 -19.54 -29.74 -27.88
C GLU E 31 -19.92 -28.48 -27.09
N LYS E 32 -18.94 -27.66 -26.75
CA LYS E 32 -19.14 -26.50 -25.89
C LYS E 32 -19.60 -25.30 -26.69
N LYS E 33 -20.08 -25.57 -27.89
CA LYS E 33 -20.64 -24.54 -28.75
C LYS E 33 -22.02 -25.01 -29.12
N ASN E 34 -22.39 -26.15 -28.56
CA ASN E 34 -23.74 -26.68 -28.61
C ASN E 34 -24.15 -27.51 -29.85
N PHE E 35 -23.18 -27.83 -30.69
CA PHE E 35 -23.43 -28.72 -31.81
C PHE E 35 -23.66 -30.13 -31.30
N LYS E 36 -24.60 -30.82 -31.94
CA LYS E 36 -24.97 -32.16 -31.51
C LYS E 36 -24.40 -33.22 -32.43
N ILE E 37 -23.87 -34.26 -31.82
CA ILE E 37 -23.41 -35.43 -32.54
C ILE E 37 -24.63 -36.11 -33.09
N VAL E 38 -24.84 -35.97 -34.39
CA VAL E 38 -25.93 -36.65 -35.08
C VAL E 38 -25.54 -38.09 -35.40
N SER E 39 -24.26 -38.32 -35.61
CA SER E 39 -23.74 -39.68 -35.58
C SER E 39 -22.23 -39.66 -35.69
N MET E 40 -21.62 -40.80 -35.42
CA MET E 40 -20.19 -40.86 -35.23
C MET E 40 -19.67 -42.29 -35.33
N LYS E 41 -18.60 -42.47 -36.11
CA LYS E 41 -17.89 -43.75 -36.25
C LYS E 41 -16.43 -43.59 -35.84
N PHE E 42 -15.86 -44.63 -35.24
CA PHE E 42 -14.43 -44.67 -34.95
C PHE E 42 -13.74 -45.72 -35.81
N TRP E 43 -12.59 -45.35 -36.36
CA TRP E 43 -11.84 -46.25 -37.24
C TRP E 43 -10.45 -46.53 -36.70
N SER E 44 -10.12 -47.79 -36.47
CA SER E 44 -8.79 -48.07 -35.99
C SER E 44 -7.82 -47.55 -37.05
N LYS E 45 -8.20 -47.74 -38.31
CA LYS E 45 -7.63 -46.98 -39.43
C LYS E 45 -8.54 -47.01 -40.64
N ALA E 46 -8.91 -45.84 -41.12
CA ALA E 46 -9.76 -45.78 -42.30
C ALA E 46 -9.04 -46.51 -43.42
N PRO E 47 -9.80 -47.29 -44.21
CA PRO E 47 -9.28 -47.85 -45.46
C PRO E 47 -8.82 -46.71 -46.37
N ARG E 48 -7.66 -46.85 -47.02
CA ARG E 48 -7.13 -45.77 -47.86
C ARG E 48 -8.19 -45.32 -48.87
N ASN E 49 -8.89 -46.30 -49.41
CA ASN E 49 -10.04 -46.08 -50.27
C ASN E 49 -10.93 -44.89 -49.88
N LEU E 50 -11.50 -44.95 -48.67
CA LEU E 50 -12.33 -43.86 -48.12
C LEU E 50 -11.60 -42.53 -48.03
N ILE E 51 -10.33 -42.59 -47.66
CA ILE E 51 -9.56 -41.37 -47.50
C ILE E 51 -9.50 -40.66 -48.83
N GLU E 52 -9.26 -41.41 -49.90
CA GLU E 52 -9.11 -40.78 -51.21
C GLU E 52 -10.45 -40.28 -51.77
N GLN E 53 -11.53 -41.02 -51.53
CA GLN E 53 -12.85 -40.50 -51.86
C GLN E 53 -13.04 -39.17 -51.13
N HIS E 54 -12.73 -39.17 -49.84
CA HIS E 54 -12.91 -38.00 -49.01
C HIS E 54 -12.16 -36.82 -49.58
N TYR E 55 -10.90 -37.06 -49.89
CA TYR E 55 -10.02 -35.99 -50.33
C TYR E 55 -9.88 -35.97 -51.85
N LYS E 56 -10.83 -36.61 -52.54
CA LYS E 56 -10.80 -36.74 -53.99
C LYS E 56 -10.50 -35.45 -54.75
N GLU E 57 -10.92 -34.32 -54.21
CA GLU E 57 -10.73 -33.05 -54.89
C GLU E 57 -9.25 -32.66 -54.91
N HIS E 58 -8.44 -33.38 -54.14
CA HIS E 58 -7.03 -33.01 -53.97
C HIS E 58 -6.09 -33.92 -54.74
N SER E 59 -6.68 -34.82 -55.52
CA SER E 59 -5.93 -35.87 -56.20
C SER E 59 -4.80 -35.41 -57.11
N GLU E 60 -4.87 -34.19 -57.64
CA GLU E 60 -3.79 -33.72 -58.50
C GLU E 60 -2.72 -32.94 -57.73
N GLN E 61 -2.89 -32.79 -56.42
CA GLN E 61 -1.96 -31.95 -55.67
C GLN E 61 -0.69 -32.70 -55.27
N SER E 62 0.40 -31.94 -55.13
CA SER E 62 1.68 -32.52 -54.78
C SER E 62 1.60 -33.19 -53.42
N TYR E 63 0.73 -32.71 -52.56
CA TYR E 63 0.67 -33.26 -51.20
C TYR E 63 -0.29 -34.44 -51.07
N PHE E 64 -1.09 -34.65 -52.09
CA PHE E 64 -2.16 -35.64 -51.99
C PHE E 64 -1.71 -36.97 -51.41
N ASN E 65 -0.60 -37.52 -51.86
CA ASN E 65 -0.16 -38.83 -51.38
C ASN E 65 0.25 -38.85 -49.90
N ASP E 66 1.16 -37.96 -49.55
CA ASP E 66 1.60 -37.78 -48.18
C ASP E 66 0.40 -37.55 -47.26
N LEU E 67 -0.58 -36.79 -47.73
CA LEU E 67 -1.80 -36.55 -46.96
C LEU E 67 -2.47 -37.86 -46.58
N CYS E 68 -2.62 -38.74 -47.56
CA CYS E 68 -3.36 -39.98 -47.37
C CYS E 68 -2.55 -40.99 -46.58
N ASP E 69 -1.25 -41.01 -46.80
CA ASP E 69 -0.35 -41.81 -45.98
C ASP E 69 -0.53 -41.41 -44.53
N PHE E 70 -0.52 -40.11 -44.27
CA PHE E 70 -0.68 -39.64 -42.90
C PHE E 70 -2.06 -39.92 -42.33
N MET E 71 -3.08 -39.99 -43.19
CA MET E 71 -4.43 -40.22 -42.69
C MET E 71 -4.76 -41.69 -42.39
N VAL E 72 -3.87 -42.60 -42.79
CA VAL E 72 -4.05 -43.99 -42.42
C VAL E 72 -2.98 -44.37 -41.41
N SER E 73 -2.23 -43.37 -40.94
CA SER E 73 -1.10 -43.62 -40.05
C SER E 73 -1.55 -44.00 -38.66
N GLY E 74 -2.83 -43.73 -38.37
CA GLY E 74 -3.40 -44.00 -37.07
C GLY E 74 -4.90 -43.96 -37.14
N PRO E 75 -5.57 -43.97 -35.98
CA PRO E 75 -7.03 -43.95 -35.84
C PRO E 75 -7.67 -42.68 -36.39
N ILE E 76 -8.96 -42.73 -36.66
CA ILE E 76 -9.71 -41.56 -37.12
C ILE E 76 -11.08 -41.63 -36.49
N ILE E 77 -11.67 -40.47 -36.25
CA ILE E 77 -13.07 -40.43 -35.89
C ILE E 77 -13.83 -39.49 -36.80
N SER E 78 -14.93 -39.99 -37.36
CA SER E 78 -15.81 -39.21 -38.20
C SER E 78 -17.03 -38.84 -37.39
N ILE E 79 -17.44 -37.58 -37.47
CA ILE E 79 -18.58 -37.15 -36.68
C ILE E 79 -19.47 -36.30 -37.55
N VAL E 80 -20.77 -36.55 -37.49
CA VAL E 80 -21.69 -35.62 -38.12
C VAL E 80 -22.23 -34.70 -37.04
N TYR E 81 -22.25 -33.40 -37.32
CA TYR E 81 -22.72 -32.42 -36.36
C TYR E 81 -23.96 -31.67 -36.87
N GLU E 82 -24.97 -31.53 -36.02
CA GLU E 82 -26.22 -30.80 -36.33
C GLU E 82 -26.18 -29.43 -35.69
N GLY E 83 -26.49 -28.39 -36.44
CA GLY E 83 -26.49 -27.05 -35.86
C GLY E 83 -26.76 -25.93 -36.83
N THR E 84 -27.19 -24.78 -36.31
CA THR E 84 -27.49 -23.62 -37.14
C THR E 84 -26.23 -23.07 -37.79
N ASP E 85 -26.18 -23.17 -39.11
CA ASP E 85 -24.98 -22.82 -39.84
C ASP E 85 -23.80 -23.59 -39.25
N ALA E 86 -24.05 -24.84 -38.89
CA ALA E 86 -23.01 -25.71 -38.36
C ALA E 86 -21.75 -25.62 -39.21
N ILE E 87 -21.93 -25.78 -40.51
CA ILE E 87 -20.80 -25.90 -41.41
C ILE E 87 -19.75 -24.78 -41.30
N SER E 88 -20.15 -23.52 -41.47
CA SER E 88 -19.19 -22.44 -41.44
C SER E 88 -18.64 -22.17 -40.03
N LYS E 89 -19.48 -22.41 -39.03
CA LYS E 89 -19.10 -22.13 -37.65
C LYS E 89 -18.02 -23.10 -37.20
N ILE E 90 -18.26 -24.38 -37.41
CA ILE E 90 -17.25 -25.39 -37.12
C ILE E 90 -16.00 -25.15 -37.94
N ARG E 91 -16.13 -24.58 -39.12
CA ARG E 91 -14.94 -24.22 -39.89
C ARG E 91 -14.20 -23.10 -39.19
N ARG E 92 -14.93 -22.16 -38.61
CA ARG E 92 -14.29 -21.05 -37.90
C ARG E 92 -13.51 -21.57 -36.70
N LEU E 93 -14.07 -22.58 -36.03
CA LEU E 93 -13.46 -23.19 -34.85
C LEU E 93 -12.20 -23.94 -35.23
N GLN E 94 -12.21 -24.46 -36.44
CA GLN E 94 -11.13 -25.30 -36.92
C GLN E 94 -9.86 -24.51 -37.16
N GLY E 95 -9.98 -23.29 -37.66
CA GLY E 95 -8.84 -22.43 -37.93
C GLY E 95 -8.15 -22.79 -39.24
N ASN E 96 -7.37 -21.84 -39.76
CA ASN E 96 -6.71 -21.99 -41.06
C ASN E 96 -5.74 -23.18 -41.16
N THR E 97 -5.51 -23.67 -42.37
CA THR E 97 -4.62 -24.82 -42.57
C THR E 97 -3.18 -24.52 -42.17
N ASN E 98 -2.73 -23.31 -42.49
CA ASN E 98 -1.34 -22.89 -42.26
C ASN E 98 -1.10 -22.43 -40.80
N PRO E 99 -0.15 -23.08 -40.09
CA PRO E 99 0.12 -22.68 -38.71
C PRO E 99 0.71 -21.26 -38.59
N LEU E 100 1.05 -20.67 -39.73
CA LEU E 100 1.44 -19.27 -39.82
C LEU E 100 0.21 -18.35 -39.84
N ALA E 101 -0.96 -18.93 -40.06
CA ALA E 101 -2.18 -18.13 -40.21
C ALA E 101 -3.27 -18.41 -39.17
N SER E 102 -3.40 -19.66 -38.72
CA SER E 102 -4.48 -20.02 -37.81
C SER E 102 -4.37 -19.24 -36.51
N ALA E 103 -5.50 -18.78 -36.01
CA ALA E 103 -5.52 -17.82 -34.92
C ALA E 103 -5.60 -18.44 -33.53
N PRO E 104 -4.82 -17.91 -32.57
CA PRO E 104 -5.05 -18.40 -31.22
C PRO E 104 -6.55 -18.30 -30.91
N GLY E 105 -7.14 -19.36 -30.37
CA GLY E 105 -8.58 -19.41 -30.18
C GLY E 105 -9.18 -20.58 -30.95
N THR E 106 -8.53 -20.94 -32.04
CA THR E 106 -9.06 -21.98 -32.89
C THR E 106 -8.42 -23.31 -32.55
N ILE E 107 -9.13 -24.40 -32.82
CA ILE E 107 -8.55 -25.70 -32.60
C ILE E 107 -7.14 -25.79 -33.15
N ARG E 108 -6.89 -25.15 -34.28
CA ARG E 108 -5.61 -25.35 -34.95
C ARG E 108 -4.60 -24.31 -34.52
N GLY E 109 -5.11 -23.14 -34.16
CA GLY E 109 -4.26 -22.04 -33.72
C GLY E 109 -3.77 -22.30 -32.31
N ASP E 110 -4.55 -23.06 -31.55
CA ASP E 110 -4.17 -23.48 -30.20
C ASP E 110 -3.32 -24.75 -30.15
N LEU E 111 -3.68 -25.75 -30.97
CA LEU E 111 -3.14 -27.10 -30.79
C LEU E 111 -2.25 -27.65 -31.92
N ALA E 112 -2.41 -27.11 -33.12
CA ALA E 112 -1.76 -27.68 -34.27
C ALA E 112 -0.56 -26.82 -34.68
N ASN E 113 0.49 -27.47 -35.17
CA ASN E 113 1.69 -26.74 -35.55
C ASN E 113 2.28 -27.32 -36.82
N ASP E 114 1.41 -27.77 -37.71
CA ASP E 114 1.84 -28.33 -38.99
C ASP E 114 0.69 -28.20 -39.98
N ILE E 115 1.05 -28.00 -41.26
CA ILE E 115 0.10 -27.81 -42.33
C ILE E 115 -0.70 -29.08 -42.60
N ARG E 116 -0.06 -30.23 -42.39
CA ARG E 116 -0.71 -31.51 -42.63
C ARG E 116 -1.17 -32.17 -41.35
N GLU E 117 -0.35 -32.13 -40.32
CA GLU E 117 -0.76 -32.69 -39.05
C GLU E 117 -1.55 -31.62 -38.30
N ASN E 118 -2.79 -31.40 -38.74
CA ASN E 118 -3.58 -30.30 -38.24
C ASN E 118 -4.85 -30.73 -37.53
N LEU E 119 -4.85 -31.94 -36.98
CA LEU E 119 -5.82 -32.39 -35.98
C LEU E 119 -7.24 -32.67 -36.47
N ILE E 120 -7.82 -31.77 -37.26
CA ILE E 120 -9.23 -31.88 -37.55
C ILE E 120 -9.59 -31.57 -38.99
N HIS E 121 -10.49 -32.37 -39.55
CA HIS E 121 -11.12 -32.00 -40.81
C HIS E 121 -12.57 -31.59 -40.60
N ALA E 122 -12.97 -30.53 -41.29
CA ALA E 122 -14.34 -30.07 -41.29
C ALA E 122 -14.80 -29.76 -42.71
N SER E 123 -15.95 -30.31 -43.10
CA SER E 123 -16.57 -30.04 -44.40
C SER E 123 -16.68 -28.55 -44.63
N ASP E 124 -16.40 -28.11 -45.86
CA ASP E 124 -16.25 -26.67 -46.17
C ASP E 124 -17.44 -25.99 -46.90
N SER E 125 -18.40 -26.80 -47.34
CA SER E 125 -19.58 -26.26 -48.01
C SER E 125 -20.73 -27.24 -47.96
N GLU E 126 -21.93 -26.74 -48.24
CA GLU E 126 -23.13 -27.57 -48.25
C GLU E 126 -22.96 -28.78 -49.14
N ASP E 127 -22.25 -28.59 -50.26
CA ASP E 127 -22.03 -29.66 -51.22
C ASP E 127 -21.14 -30.77 -50.68
N SER E 128 -19.97 -30.40 -50.18
CA SER E 128 -19.00 -31.36 -49.67
C SER E 128 -19.43 -31.98 -48.35
N ALA E 129 -20.26 -31.27 -47.61
CA ALA E 129 -20.84 -31.84 -46.39
C ALA E 129 -21.68 -33.06 -46.73
N VAL E 130 -22.53 -32.94 -47.74
CA VAL E 130 -23.39 -34.05 -48.13
C VAL E 130 -22.55 -35.16 -48.72
N ASP E 131 -21.62 -34.75 -49.56
CA ASP E 131 -20.72 -35.68 -50.21
C ASP E 131 -19.90 -36.41 -49.15
N GLU E 132 -19.18 -35.65 -48.33
CA GLU E 132 -18.34 -36.24 -47.29
C GLU E 132 -19.13 -37.11 -46.32
N ILE E 133 -20.37 -36.70 -46.03
CA ILE E 133 -21.24 -37.46 -45.15
C ILE E 133 -21.63 -38.76 -45.78
N SER E 134 -21.88 -38.71 -47.09
CA SER E 134 -22.27 -39.90 -47.82
C SER E 134 -21.15 -40.95 -47.81
N ILE E 135 -19.90 -40.48 -47.81
CA ILE E 135 -18.73 -41.35 -47.81
C ILE E 135 -18.53 -42.04 -46.47
N TRP E 136 -18.64 -41.26 -45.41
CA TRP E 136 -18.31 -41.78 -44.07
C TRP E 136 -19.46 -42.56 -43.45
N PHE E 137 -20.68 -42.31 -43.90
CA PHE E 137 -21.83 -43.10 -43.47
C PHE E 137 -22.79 -43.41 -44.63
N PRO E 138 -22.53 -44.51 -45.35
CA PRO E 138 -23.48 -45.13 -46.27
C PRO E 138 -24.86 -45.28 -45.64
N GLN F 7 -12.16 2.53 -14.45
CA GLN F 7 -13.57 2.54 -14.92
C GLN F 7 -14.38 1.24 -14.70
N ARG F 8 -15.71 1.36 -14.59
CA ARG F 8 -16.59 0.22 -14.29
C ARG F 8 -17.54 -0.13 -15.44
N THR F 9 -18.06 -1.36 -15.42
CA THR F 9 -19.02 -1.83 -16.42
C THR F 9 -20.01 -2.88 -15.90
N LEU F 10 -21.18 -2.94 -16.53
CA LEU F 10 -22.27 -3.85 -16.13
C LEU F 10 -22.36 -5.07 -17.02
N VAL F 11 -22.33 -6.26 -16.41
CA VAL F 11 -22.39 -7.49 -17.15
C VAL F 11 -23.56 -8.28 -16.63
N LEU F 12 -24.37 -8.82 -17.52
CA LEU F 12 -25.40 -9.76 -17.10
C LEU F 12 -24.97 -11.15 -17.52
N ILE F 13 -25.26 -12.12 -16.68
CA ILE F 13 -25.10 -13.51 -17.07
C ILE F 13 -26.50 -14.02 -17.40
N LYS F 14 -26.81 -14.03 -18.69
CA LYS F 14 -28.13 -14.39 -19.21
C LYS F 14 -28.64 -15.81 -18.83
N PRO F 15 -29.96 -16.02 -18.93
CA PRO F 15 -30.55 -17.26 -18.41
C PRO F 15 -30.11 -18.52 -19.14
N ASP F 16 -29.54 -18.40 -20.33
CA ASP F 16 -29.06 -19.60 -21.01
C ASP F 16 -27.84 -20.18 -20.30
N ALA F 17 -27.02 -19.31 -19.72
CA ALA F 17 -25.85 -19.73 -18.95
C ALA F 17 -26.22 -20.71 -17.86
N PHE F 18 -27.28 -20.41 -17.11
CA PHE F 18 -27.71 -21.26 -15.99
C PHE F 18 -28.26 -22.58 -16.52
N GLU F 19 -29.00 -22.48 -17.62
CA GLU F 19 -29.52 -23.64 -18.32
C GLU F 19 -28.36 -24.57 -18.69
N ARG F 20 -27.34 -23.97 -19.28
CA ARG F 20 -26.22 -24.71 -19.83
C ARG F 20 -25.04 -24.87 -18.85
N SER F 21 -25.26 -24.44 -17.61
CA SER F 21 -24.23 -24.48 -16.56
C SER F 21 -22.90 -23.86 -16.99
N LEU F 22 -22.92 -22.60 -17.41
CA LEU F 22 -21.71 -21.96 -17.91
C LEU F 22 -21.45 -20.67 -17.17
N VAL F 23 -22.00 -20.59 -15.96
CA VAL F 23 -21.87 -19.38 -15.18
C VAL F 23 -20.44 -19.20 -14.72
N ALA F 24 -19.86 -20.24 -14.14
CA ALA F 24 -18.50 -20.16 -13.62
C ALA F 24 -17.56 -20.00 -14.77
N GLU F 25 -17.85 -20.71 -15.85
CA GLU F 25 -17.06 -20.56 -17.06
C GLU F 25 -16.93 -19.08 -17.39
N ILE F 26 -18.05 -18.46 -17.77
CA ILE F 26 -18.03 -17.07 -18.20
C ILE F 26 -17.33 -16.17 -17.18
N MET F 27 -17.80 -16.23 -15.94
CA MET F 27 -17.27 -15.38 -14.89
C MET F 27 -15.78 -15.57 -14.79
N GLY F 28 -15.36 -16.82 -14.99
CA GLY F 28 -13.96 -17.19 -14.90
C GLY F 28 -13.10 -16.46 -15.90
N ARG F 29 -13.61 -16.33 -17.12
CA ARG F 29 -12.85 -15.68 -18.16
C ARG F 29 -12.64 -14.23 -17.81
N ILE F 30 -13.65 -13.62 -17.19
CA ILE F 30 -13.51 -12.24 -16.79
C ILE F 30 -12.53 -12.12 -15.61
N GLU F 31 -12.65 -13.01 -14.64
CA GLU F 31 -11.79 -13.03 -13.46
C GLU F 31 -10.32 -13.19 -13.87
N LYS F 32 -10.07 -14.00 -14.89
CA LYS F 32 -8.71 -14.28 -15.35
C LYS F 32 -8.11 -13.10 -16.12
N LYS F 33 -8.97 -12.22 -16.61
CA LYS F 33 -8.52 -11.02 -17.29
C LYS F 33 -8.15 -10.04 -16.20
N ASN F 34 -8.37 -10.46 -14.96
CA ASN F 34 -8.05 -9.68 -13.78
C ASN F 34 -9.02 -8.54 -13.49
N PHE F 35 -10.30 -8.79 -13.76
CA PHE F 35 -11.34 -7.83 -13.47
C PHE F 35 -12.03 -8.12 -12.15
N LYS F 36 -12.16 -7.07 -11.35
CA LYS F 36 -12.62 -7.18 -9.98
C LYS F 36 -14.12 -7.02 -9.87
N ILE F 37 -14.76 -7.92 -9.13
CA ILE F 37 -16.17 -7.79 -8.83
C ILE F 37 -16.39 -6.67 -7.82
N VAL F 38 -17.38 -5.84 -8.10
CA VAL F 38 -17.67 -4.69 -7.28
C VAL F 38 -19.03 -4.85 -6.60
N SER F 39 -20.02 -5.32 -7.36
CA SER F 39 -21.28 -5.75 -6.76
C SER F 39 -21.89 -6.81 -7.63
N MET F 40 -22.82 -7.58 -7.09
CA MET F 40 -23.35 -8.73 -7.80
C MET F 40 -24.64 -9.29 -7.23
N LYS F 41 -25.78 -8.91 -7.80
CA LYS F 41 -27.07 -9.49 -7.42
C LYS F 41 -27.32 -10.75 -8.24
N PHE F 42 -28.09 -11.67 -7.65
CA PHE F 42 -28.62 -12.83 -8.38
C PHE F 42 -30.15 -12.79 -8.36
N TRP F 43 -30.78 -12.65 -9.54
CA TRP F 43 -32.24 -12.66 -9.65
C TRP F 43 -32.76 -13.99 -10.15
N SER F 44 -33.61 -14.66 -9.37
CA SER F 44 -34.15 -15.97 -9.76
C SER F 44 -34.97 -15.84 -11.04
N LYS F 45 -35.58 -14.68 -11.21
CA LYS F 45 -35.99 -14.23 -12.53
C LYS F 45 -36.29 -12.75 -12.43
N ALA F 46 -35.49 -11.98 -13.16
CA ALA F 46 -35.64 -10.56 -13.19
C ALA F 46 -37.11 -10.25 -13.39
N PRO F 47 -37.62 -9.27 -12.64
CA PRO F 47 -38.92 -8.73 -13.03
C PRO F 47 -38.84 -8.14 -14.44
N ARG F 48 -39.86 -8.40 -15.25
CA ARG F 48 -39.83 -8.09 -16.67
C ARG F 48 -39.43 -6.66 -17.01
N ASN F 49 -39.58 -5.76 -16.06
CA ASN F 49 -39.41 -4.36 -16.37
C ASN F 49 -37.97 -3.88 -16.29
N LEU F 50 -37.16 -4.57 -15.49
CA LEU F 50 -35.74 -4.28 -15.48
C LEU F 50 -35.25 -4.59 -16.89
N ILE F 51 -35.60 -5.78 -17.36
CA ILE F 51 -35.25 -6.25 -18.69
C ILE F 51 -35.51 -5.18 -19.75
N GLU F 52 -36.74 -4.68 -19.79
CA GLU F 52 -37.18 -3.76 -20.84
C GLU F 52 -36.54 -2.39 -20.70
N GLN F 53 -36.33 -1.97 -19.46
CA GLN F 53 -35.65 -0.72 -19.19
C GLN F 53 -34.16 -0.88 -19.54
N HIS F 54 -33.67 -2.11 -19.39
CA HIS F 54 -32.27 -2.43 -19.71
C HIS F 54 -32.02 -2.29 -21.20
N TYR F 55 -33.03 -2.65 -21.99
CA TYR F 55 -32.97 -2.59 -23.45
C TYR F 55 -33.78 -1.42 -24.03
N LYS F 56 -33.90 -0.33 -23.27
CA LYS F 56 -34.72 0.82 -23.69
C LYS F 56 -34.50 1.20 -25.18
N GLU F 57 -33.26 1.07 -25.64
CA GLU F 57 -32.91 1.46 -27.00
C GLU F 57 -33.35 0.42 -28.01
N HIS F 58 -34.00 -0.64 -27.53
CA HIS F 58 -34.34 -1.79 -28.36
C HIS F 58 -35.85 -2.04 -28.47
N SER F 59 -36.65 -1.20 -27.83
CA SER F 59 -38.09 -1.43 -27.65
C SER F 59 -38.91 -1.75 -28.92
N GLU F 60 -38.45 -1.28 -30.07
CA GLU F 60 -39.21 -1.39 -31.31
C GLU F 60 -38.66 -2.37 -32.35
N GLN F 61 -37.58 -3.08 -32.02
CA GLN F 61 -37.01 -4.08 -32.94
C GLN F 61 -37.89 -5.35 -33.02
N SER F 62 -37.85 -6.01 -34.18
CA SER F 62 -38.65 -7.21 -34.38
C SER F 62 -38.49 -8.21 -33.22
N TYR F 63 -37.29 -8.29 -32.67
CA TYR F 63 -36.95 -9.29 -31.65
C TYR F 63 -37.35 -8.92 -30.22
N PHE F 64 -37.49 -7.62 -29.95
CA PHE F 64 -37.69 -7.14 -28.58
C PHE F 64 -38.55 -8.05 -27.70
N ASN F 65 -39.77 -8.36 -28.13
CA ASN F 65 -40.63 -9.21 -27.32
C ASN F 65 -40.02 -10.57 -27.07
N ASP F 66 -39.56 -11.23 -28.13
CA ASP F 66 -38.87 -12.49 -28.01
C ASP F 66 -37.72 -12.39 -26.99
N LEU F 67 -36.93 -11.32 -27.10
CA LEU F 67 -35.83 -11.04 -26.20
C LEU F 67 -36.21 -11.12 -24.71
N CYS F 68 -37.20 -10.34 -24.31
CA CYS F 68 -37.55 -10.24 -22.90
C CYS F 68 -38.13 -11.53 -22.34
N ASP F 69 -39.02 -12.19 -23.07
CA ASP F 69 -39.65 -13.41 -22.56
C ASP F 69 -38.55 -14.41 -22.22
N PHE F 70 -37.44 -14.28 -22.95
CA PHE F 70 -36.26 -15.13 -22.75
C PHE F 70 -35.55 -14.72 -21.47
N MET F 71 -35.29 -13.42 -21.33
CA MET F 71 -34.60 -12.89 -20.16
C MET F 71 -35.37 -13.10 -18.85
N VAL F 72 -36.50 -13.80 -18.89
CA VAL F 72 -37.22 -14.13 -17.67
C VAL F 72 -37.56 -15.62 -17.60
N SER F 73 -36.93 -16.40 -18.47
CA SER F 73 -37.17 -17.83 -18.49
C SER F 73 -36.24 -18.46 -17.47
N GLY F 74 -35.38 -17.63 -16.91
CA GLY F 74 -34.42 -18.13 -15.96
C GLY F 74 -33.68 -17.02 -15.29
N PRO F 75 -32.86 -17.39 -14.32
CA PRO F 75 -32.10 -16.46 -13.47
C PRO F 75 -31.22 -15.56 -14.31
N ILE F 76 -30.74 -14.50 -13.71
CA ILE F 76 -29.80 -13.59 -14.33
C ILE F 76 -28.87 -13.12 -13.23
N ILE F 77 -27.58 -12.99 -13.51
CA ILE F 77 -26.68 -12.39 -12.54
C ILE F 77 -26.19 -11.06 -13.06
N SER F 78 -26.13 -10.06 -12.19
CA SER F 78 -25.64 -8.74 -12.59
C SER F 78 -24.36 -8.50 -11.85
N ILE F 79 -23.28 -8.27 -12.59
CA ILE F 79 -22.03 -7.95 -11.95
C ILE F 79 -21.63 -6.56 -12.38
N VAL F 80 -20.94 -5.85 -11.50
CA VAL F 80 -20.23 -4.66 -11.92
C VAL F 80 -18.76 -4.99 -11.85
N TYR F 81 -18.17 -5.41 -12.96
CA TYR F 81 -16.75 -5.66 -12.94
C TYR F 81 -16.03 -4.33 -12.94
N GLU F 82 -14.74 -4.35 -12.62
CA GLU F 82 -13.98 -3.13 -12.52
C GLU F 82 -12.52 -3.34 -12.83
N GLY F 83 -11.99 -2.52 -13.72
CA GLY F 83 -10.60 -2.58 -14.07
C GLY F 83 -10.27 -1.48 -15.04
N THR F 84 -8.98 -1.27 -15.28
CA THR F 84 -8.49 -0.37 -16.31
C THR F 84 -9.15 -0.70 -17.66
N ASP F 85 -9.89 0.25 -18.23
CA ASP F 85 -10.59 0.07 -19.50
C ASP F 85 -11.53 -1.13 -19.52
N ALA F 86 -12.22 -1.36 -18.42
CA ALA F 86 -12.98 -2.59 -18.28
C ALA F 86 -14.08 -2.71 -19.31
N ILE F 87 -14.72 -1.60 -19.64
CA ILE F 87 -15.87 -1.63 -20.54
C ILE F 87 -15.51 -2.25 -21.88
N SER F 88 -14.57 -1.63 -22.58
CA SER F 88 -14.18 -2.11 -23.91
C SER F 88 -13.60 -3.52 -23.86
N LYS F 89 -12.65 -3.74 -22.96
CA LYS F 89 -12.03 -5.05 -22.83
C LYS F 89 -13.03 -6.18 -22.59
N ILE F 90 -14.01 -5.95 -21.73
CA ILE F 90 -14.95 -7.01 -21.44
C ILE F 90 -15.82 -7.27 -22.66
N ARG F 91 -16.00 -6.23 -23.47
CA ARG F 91 -16.76 -6.41 -24.70
C ARG F 91 -15.96 -7.30 -25.64
N ARG F 92 -14.67 -7.02 -25.79
CA ARG F 92 -13.78 -7.87 -26.60
C ARG F 92 -13.87 -9.34 -26.21
N LEU F 93 -13.96 -9.64 -24.92
CA LEU F 93 -14.07 -11.03 -24.49
C LEU F 93 -15.46 -11.54 -24.79
N GLN F 94 -16.44 -10.63 -24.79
CA GLN F 94 -17.82 -11.02 -25.02
C GLN F 94 -17.91 -11.64 -26.40
N GLY F 95 -17.30 -10.96 -27.36
CA GLY F 95 -17.35 -11.35 -28.75
C GLY F 95 -18.55 -10.75 -29.46
N ASN F 96 -18.37 -10.37 -30.71
CA ASN F 96 -19.47 -9.84 -31.52
C ASN F 96 -20.78 -10.61 -31.35
N THR F 97 -21.89 -9.87 -31.37
CA THR F 97 -23.22 -10.41 -31.13
C THR F 97 -23.60 -11.56 -32.05
N ASN F 98 -23.12 -11.49 -33.29
CA ASN F 98 -23.57 -12.35 -34.38
C ASN F 98 -22.78 -13.67 -34.51
N PRO F 99 -23.43 -14.80 -34.20
CA PRO F 99 -22.82 -16.14 -34.17
C PRO F 99 -22.02 -16.52 -35.42
N LEU F 100 -22.11 -15.72 -36.48
CA LEU F 100 -21.35 -15.98 -37.70
C LEU F 100 -20.18 -15.03 -37.81
N ALA F 101 -19.92 -14.28 -36.73
CA ALA F 101 -18.88 -13.27 -36.75
C ALA F 101 -18.04 -13.28 -35.47
N SER F 102 -18.52 -13.98 -34.45
CA SER F 102 -17.87 -13.98 -33.13
C SER F 102 -16.66 -14.89 -33.10
N ALA F 103 -15.51 -14.29 -32.84
CA ALA F 103 -14.24 -14.98 -32.90
C ALA F 103 -14.10 -16.11 -31.87
N PRO F 104 -13.54 -17.25 -32.29
CA PRO F 104 -13.21 -18.27 -31.29
C PRO F 104 -12.16 -17.66 -30.38
N GLY F 105 -12.20 -18.02 -29.10
CA GLY F 105 -11.39 -17.33 -28.11
C GLY F 105 -12.21 -16.41 -27.24
N THR F 106 -13.35 -15.92 -27.76
CA THR F 106 -14.27 -15.11 -26.97
C THR F 106 -15.41 -15.97 -26.45
N ILE F 107 -16.12 -15.43 -25.47
CA ILE F 107 -17.13 -16.19 -24.78
C ILE F 107 -18.15 -16.70 -25.75
N ARG F 108 -18.75 -15.78 -26.51
CA ARG F 108 -19.81 -16.15 -27.44
C ARG F 108 -19.25 -17.03 -28.54
N GLY F 109 -18.07 -16.64 -29.03
CA GLY F 109 -17.40 -17.38 -30.08
C GLY F 109 -17.13 -18.82 -29.70
N ASP F 110 -16.85 -19.05 -28.42
CA ASP F 110 -16.52 -20.39 -27.93
C ASP F 110 -17.75 -21.14 -27.49
N LEU F 111 -18.71 -20.41 -26.96
CA LEU F 111 -19.76 -21.05 -26.17
C LEU F 111 -21.20 -20.84 -26.67
N ALA F 112 -21.45 -19.76 -27.41
CA ALA F 112 -22.80 -19.43 -27.86
C ALA F 112 -23.10 -19.83 -29.31
N ASN F 113 -24.35 -20.21 -29.56
CA ASN F 113 -24.76 -20.63 -30.90
C ASN F 113 -26.15 -20.15 -31.28
N ASP F 114 -26.49 -18.95 -30.85
CA ASP F 114 -27.76 -18.32 -31.20
C ASP F 114 -27.57 -16.82 -31.10
N ILE F 115 -28.30 -16.08 -31.93
CA ILE F 115 -28.15 -14.63 -31.96
C ILE F 115 -28.82 -14.02 -30.72
N ARG F 116 -29.74 -14.79 -30.14
CA ARG F 116 -30.48 -14.33 -28.95
C ARG F 116 -29.98 -14.94 -27.63
N GLU F 117 -30.12 -16.26 -27.50
CA GLU F 117 -29.56 -16.96 -26.34
C GLU F 117 -28.04 -16.90 -26.44
N ASN F 118 -27.47 -15.77 -26.07
CA ASN F 118 -26.04 -15.55 -26.27
C ASN F 118 -25.23 -15.36 -24.99
N LEU F 119 -25.70 -15.92 -23.89
CA LEU F 119 -24.91 -16.02 -22.66
C LEU F 119 -24.66 -14.72 -21.85
N ILE F 120 -24.15 -13.66 -22.47
CA ILE F 120 -23.68 -12.53 -21.68
C ILE F 120 -24.00 -11.15 -22.25
N HIS F 121 -24.38 -10.22 -21.37
CA HIS F 121 -24.48 -8.83 -21.78
C HIS F 121 -23.25 -8.11 -21.27
N ALA F 122 -22.80 -7.10 -21.99
CA ALA F 122 -21.75 -6.23 -21.47
C ALA F 122 -21.95 -4.81 -21.97
N SER F 123 -22.09 -3.87 -21.04
CA SER F 123 -22.31 -2.48 -21.39
C SER F 123 -21.36 -2.07 -22.50
N ASP F 124 -21.88 -1.26 -23.42
CA ASP F 124 -21.17 -0.97 -24.65
C ASP F 124 -20.32 0.30 -24.59
N SER F 125 -20.55 1.13 -23.58
CA SER F 125 -19.77 2.35 -23.41
C SER F 125 -19.97 2.93 -22.01
N GLU F 126 -19.14 3.91 -21.66
CA GLU F 126 -19.29 4.58 -20.38
C GLU F 126 -20.74 4.96 -20.20
N ASP F 127 -21.32 5.62 -21.20
CA ASP F 127 -22.68 6.13 -21.10
C ASP F 127 -23.72 5.02 -20.97
N SER F 128 -23.44 3.86 -21.53
CA SER F 128 -24.37 2.74 -21.39
C SER F 128 -24.08 2.11 -20.05
N ALA F 129 -22.88 2.33 -19.54
CA ALA F 129 -22.46 1.77 -18.28
C ALA F 129 -23.17 2.44 -17.10
N VAL F 130 -23.13 3.77 -17.05
CA VAL F 130 -23.84 4.51 -16.01
C VAL F 130 -25.31 4.10 -16.04
N ASP F 131 -25.90 4.24 -17.22
CA ASP F 131 -27.29 3.88 -17.48
C ASP F 131 -27.60 2.50 -16.90
N GLU F 132 -26.90 1.48 -17.38
CA GLU F 132 -27.24 0.10 -17.03
C GLU F 132 -26.98 -0.27 -15.58
N ILE F 133 -25.97 0.36 -14.97
CA ILE F 133 -25.66 0.11 -13.58
C ILE F 133 -26.78 0.58 -12.66
N SER F 134 -27.16 1.85 -12.74
CA SER F 134 -28.22 2.36 -11.85
C SER F 134 -29.50 1.52 -11.95
N ILE F 135 -29.74 0.97 -13.13
CA ILE F 135 -30.89 0.11 -13.36
C ILE F 135 -30.85 -1.18 -12.54
N TRP F 136 -29.65 -1.68 -12.25
CA TRP F 136 -29.48 -2.96 -11.57
C TRP F 136 -28.99 -2.83 -10.11
N PHE F 137 -28.25 -1.75 -9.83
CA PHE F 137 -27.75 -1.49 -8.48
C PHE F 137 -28.03 -0.03 -8.10
N PRO F 138 -29.31 0.27 -7.82
CA PRO F 138 -29.84 1.63 -7.62
C PRO F 138 -29.34 2.28 -6.33
MG MG G . 10.93 29.76 46.58
PA TYD H . 7.83 26.77 47.92
O1A TYD H . 6.37 27.13 47.80
O2A TYD H . 8.92 27.81 48.09
O3A TYD H . 8.13 25.85 46.62
PB TYD H . 9.36 26.08 45.60
O1B TYD H . 10.36 25.09 46.12
O2B TYD H . 9.81 27.50 45.67
O3B TYD H . 8.70 25.73 44.30
O5' TYD H . 7.98 25.68 49.07
C5' TYD H . 9.27 25.54 49.66
C4' TYD H . 9.61 24.06 49.82
O4' TYD H . 8.87 23.53 50.93
C3' TYD H . 9.21 23.23 48.61
O3' TYD H . 10.30 23.15 47.69
C2' TYD H . 8.79 21.90 49.18
C1' TYD H . 8.34 22.25 50.61
N1 TYD H . 6.87 22.24 50.68
C2 TYD H . 6.21 21.16 51.31
O2 TYD H . 6.92 20.25 51.81
N3 TYD H . 4.88 21.09 51.39
C4 TYD H . 4.11 22.05 50.88
O4 TYD H . 2.86 21.96 50.97
C5 TYD H . 4.78 23.21 50.20
C5M TYD H . 3.98 24.36 49.60
C6 TYD H . 6.17 23.24 50.16
MG MG I . 6.25 34.85 13.13
PA TYD J . 9.18 36.53 14.24
O1A TYD J . 8.27 37.33 15.14
O2A TYD J . 8.72 36.08 12.87
O3A TYD J . 9.69 35.30 15.14
PB TYD J . 9.58 33.76 14.68
O1B TYD J . 11.02 33.40 14.43
O2B TYD J . 8.78 33.76 13.40
O3B TYD J . 8.87 33.12 15.86
O5' TYD J . 10.57 37.31 14.10
C5' TYD J . 11.44 36.96 13.04
C4' TYD J . 12.85 36.88 13.62
O4' TYD J . 13.31 38.19 13.95
C3' TYD J . 12.89 36.10 14.92
O3' TYD J . 13.14 34.72 14.68
C2' TYD J . 14.04 36.71 15.67
C1' TYD J . 14.08 38.14 15.17
N1 TYD J . 13.52 39.07 16.17
C2 TYD J . 14.42 39.93 16.86
O2 TYD J . 15.65 39.88 16.63
N3 TYD J . 13.96 40.79 17.77
C4 TYD J . 12.66 40.88 18.06
O4 TYD J . 12.28 41.70 18.91
C5 TYD J . 11.70 40.00 17.35
C5M TYD J . 10.22 40.06 17.63
C6 TYD J . 12.21 39.12 16.40
MG MG K . -9.81 7.55 28.02
PA TYD L . -10.48 9.14 24.07
O1A TYD L . -11.24 10.37 23.69
O2A TYD L . -10.75 8.41 25.38
O3A TYD L . -8.92 9.60 23.92
PB TYD L . -7.74 9.32 24.98
O1B TYD L . -7.04 8.08 24.47
O2B TYD L . -8.40 9.15 26.34
O3B TYD L . -6.93 10.56 24.88
O5' TYD L . -10.65 8.14 22.81
C5' TYD L . -10.18 6.81 22.86
C4' TYD L . -9.46 6.47 21.56
O4' TYD L . -10.35 6.55 20.44
C3' TYD L . -8.33 7.43 21.21
O3' TYD L . -7.13 7.13 21.90
C2' TYD L . -8.21 7.27 19.71
C1' TYD L . -9.65 6.98 19.27
N1 TYD L . -10.26 8.20 18.68
C2 TYD L . -10.27 8.40 17.28
O2 TYD L . -9.77 7.54 16.52
N3 TYD L . -10.82 9.51 16.73
C4 TYD L . -11.39 10.45 17.49
O4 TYD L . -11.90 11.49 17.00
C5 TYD L . -11.38 10.27 18.95
C5M TYD L . -12.01 11.33 19.83
C6 TYD L . -10.81 9.12 19.49
MG MG M . 10.93 -6.48 -27.13
PA TYD N . 7.90 -4.04 -26.33
O1A TYD N . 7.29 -2.95 -27.20
O2A TYD N . 9.22 -4.67 -26.69
O3A TYD N . 6.72 -5.12 -26.06
PB TYD N . 6.78 -6.71 -26.23
O1B TYD N . 7.24 -7.28 -24.90
O2B TYD N . 7.75 -6.98 -27.37
O3B TYD N . 5.32 -6.98 -26.49
O5' TYD N . 8.01 -3.42 -24.85
C5' TYD N . 8.97 -3.89 -23.92
C4' TYD N . 8.32 -3.93 -22.55
O4' TYD N . 8.34 -2.61 -22.00
C3' TYD N . 6.86 -4.33 -22.63
O3' TYD N . 6.69 -5.74 -22.51
C2' TYD N . 6.22 -3.58 -21.49
C1' TYD N . 7.09 -2.34 -21.35
N1 TYD N . 6.39 -1.21 -21.99
C2 TYD N . 5.93 -0.17 -21.18
O2 TYD N . 6.14 -0.21 -19.94
N3 TYD N . 5.28 0.88 -21.70
C4 TYD N . 5.05 0.95 -23.02
O4 TYD N . 4.44 1.94 -23.48
C5 TYD N . 5.53 -0.14 -23.91
C5M TYD N . 5.30 -0.11 -25.39
C6 TYD N . 6.20 -1.20 -23.32
MG MG O . -11.12 -28.72 -47.30
PA TYD P . -7.26 -28.08 -47.39
O1A TYD P . -6.69 -26.86 -48.07
O2A TYD P . -8.59 -28.67 -47.80
O3A TYD P . -7.20 -27.79 -45.77
PB TYD P . -8.39 -27.76 -44.67
O1B TYD P . -8.33 -29.10 -43.98
O2B TYD P . -9.72 -27.54 -45.33
O3B TYD P . -7.97 -26.56 -43.84
O5' TYD P . -6.18 -29.24 -47.49
C5' TYD P . -6.62 -30.58 -47.25
C4' TYD P . -5.58 -31.27 -46.40
O4' TYD P . -4.42 -31.50 -47.20
C3' TYD P . -5.10 -30.41 -45.23
O3' TYD P . -5.87 -30.64 -44.06
C2' TYD P . -3.68 -30.86 -45.01
C1' TYD P . -3.25 -31.30 -46.41
N1 TYD P . -2.37 -30.30 -47.02
C2 TYD P . -0.99 -30.55 -47.11
O2 TYD P . -0.55 -31.64 -46.66
N3 TYD P . -0.13 -29.68 -47.66
C4 TYD P . -0.57 -28.52 -48.15
O4 TYD P . 0.24 -27.72 -48.67
C5 TYD P . -2.02 -28.22 -48.08
C5M TYD P . -2.55 -26.92 -48.62
C6 TYD P . -2.88 -29.15 -47.50
MG MG Q . -25.25 -3.27 -27.69
PA TYD R . -27.07 -5.79 -29.07
O1A TYD R . -26.78 -4.91 -30.26
O2A TYD R . -27.21 -5.12 -27.71
O3A TYD R . -25.93 -6.95 -29.06
PB TYD R . -25.02 -7.32 -27.79
O1B TYD R . -25.88 -8.33 -27.08
O2B TYD R . -24.75 -6.01 -27.10
O3B TYD R . -23.77 -7.91 -28.43
O5' TYD R . -28.32 -6.77 -29.29
C5' TYD R . -29.20 -6.81 -28.17
C4' TYD R . -29.70 -8.21 -27.83
O4' TYD R . -30.92 -8.48 -28.53
C3' TYD R . -28.74 -9.34 -28.16
O3' TYD R . -27.92 -9.69 -27.03
C2' TYD R . -29.67 -10.49 -28.52
C1' TYD R . -30.96 -9.81 -29.03
N1 TYD R . -31.00 -9.77 -30.51
C2 TYD R . -31.82 -10.66 -31.26
O2 TYD R . -32.52 -11.53 -30.67
N3 TYD R . -31.85 -10.61 -32.61
C4 TYD R . -31.12 -9.69 -33.28
O4 TYD R . -31.15 -9.64 -34.53
C5 TYD R . -30.27 -8.74 -32.52
C5M TYD R . -29.42 -7.69 -33.21
C6 TYD R . -30.27 -8.84 -31.13
#